data_9C9Y
#
_entry.id   9C9Y
#
_cell.length_a   1.00
_cell.length_b   1.00
_cell.length_c   1.00
_cell.angle_alpha   90.00
_cell.angle_beta   90.00
_cell.angle_gamma   90.00
#
_symmetry.space_group_name_H-M   'P 1'
#
loop_
_entity.id
_entity.type
_entity.pdbx_description
1 polymer 'DNA topoisomerase 3-beta-1'
2 polymer 'Tudor domain-containing protein 3'
3 polymer "DNA (5'-D(P*AP*CP*TP*AP*AP*AP*AP*T)-3')"
4 non-polymer 'MANGANESE (II) ION'
#
loop_
_entity_poly.entity_id
_entity_poly.type
_entity_poly.pdbx_seq_one_letter_code
_entity_poly.pdbx_strand_id
1 'polypeptide(L)'
;VMKTVLMVAEKPSLAQSIAKILSRGSLSSHKGLNGACSVHEYTGTFAGQPVRFKMTSVCGHVMTLDFLGKYNKWDKVDPA
ELFSQAPTEKKEANPKLNMVKFLQVEGRGCDYIVLWLDCDKEGENICFEVLDAVLPVMNKAHGGEKTVFRARFSSITDTD
ICNAMACLGEPDHNEALSVDARQELDLRIGCAFTRFQTKYFQGKYGDLDSSLISFGPCQTPTLGFCVERHDKIQSFKPET
YWVLQAKVNTDKDRSLLLDWDRVRVFDREIAQMFLNMTKLEKEAQVEATSRKEKAKQRPLALNTVEMLRVASSSLGMGPQ
HAMQTAERLYTQGYISFPRTETTHYPENFDLKGSLRQQANHPYWADTVKRLLAEGINRPRKGHDAGDHPPITPMKSATEA
ELGGDAWRLYEYITRHFIATVSHDCKYLQSTISFRIGPELFTCSGKTVLSPGFTEVMPWQSVPLEESLPTCQRGDAFPVG
EVKMLEKQTNPPDYLTEAELITLMEKHGIGTDASIPVHINNICQRNYVTVESGRRLKPTNLGIVLVHGYYKIDAELVLPT
IRSAVEKQLNLIAQGKADYRQVLGHTLDVFKRKFHYFVDSIAGMDELMEVSF
;
A
2 'polypeptide(L)'
;MAQVAGAALSQAGWYLSDEGIEACTSSPDKVNVNDIILIALNTDLRTIGKKFLPSDINSGKVEKLEGPCVLQIQKIRNVA
APKDNEESQAAPRMLRLQMTDGHISCTAVEFSYMSKISLNTPPGTKVKLSGIVDIKNGFLLLNDSNTTVLGGEVEHLIEK
W
;
B
3 'polydeoxyribonucleotide' (DA)(DC)(DT)(DA)(DA)(DA)(DA)(DT) C
#
# COMPACT_ATOMS: atom_id res chain seq x y z
N VAL A 1 59.25 1.01 -6.84
CA VAL A 1 58.00 1.42 -6.24
C VAL A 1 58.07 2.88 -5.78
N MET A 2 57.32 3.75 -6.46
CA MET A 2 57.31 5.17 -6.13
C MET A 2 56.07 5.56 -5.33
N LYS A 3 54.88 5.31 -5.85
CA LYS A 3 53.67 5.68 -5.12
C LYS A 3 52.53 4.72 -5.43
N THR A 4 51.82 4.32 -4.38
CA THR A 4 50.73 3.37 -4.48
C THR A 4 49.47 3.98 -3.88
N VAL A 5 48.33 3.76 -4.52
CA VAL A 5 47.05 4.18 -3.98
C VAL A 5 46.23 2.94 -3.67
N LEU A 6 45.25 3.12 -2.79
CA LEU A 6 44.43 2.04 -2.28
C LEU A 6 42.96 2.34 -2.54
N MET A 7 42.24 1.31 -2.98
CA MET A 7 40.80 1.41 -3.22
C MET A 7 40.05 0.34 -2.44
N VAL A 8 38.95 0.74 -1.84
CA VAL A 8 38.12 -0.13 -0.99
C VAL A 8 36.73 -0.21 -1.59
N ALA A 9 36.23 -1.43 -1.77
CA ALA A 9 34.86 -1.65 -2.21
C ALA A 9 34.09 -2.38 -1.13
N GLU A 10 32.76 -2.38 -1.26
CA GLU A 10 31.88 -2.99 -0.26
C GLU A 10 31.53 -4.44 -0.57
N LYS A 11 31.84 -4.93 -1.77
CA LYS A 11 31.65 -6.33 -2.11
C LYS A 11 32.89 -6.82 -2.86
N PRO A 12 33.34 -8.05 -2.59
CA PRO A 12 34.47 -8.58 -3.36
C PRO A 12 34.20 -8.71 -4.85
N SER A 13 32.97 -9.09 -5.23
CA SER A 13 32.63 -9.21 -6.64
C SER A 13 32.71 -7.86 -7.33
N LEU A 14 32.17 -6.83 -6.69
CA LEU A 14 32.22 -5.49 -7.25
C LEU A 14 33.66 -4.97 -7.30
N ALA A 15 34.47 -5.34 -6.31
CA ALA A 15 35.88 -4.96 -6.35
C ALA A 15 36.58 -5.57 -7.56
N GLN A 16 36.34 -6.85 -7.80
CA GLN A 16 36.95 -7.50 -8.96
C GLN A 16 36.46 -6.88 -10.25
N SER A 17 35.16 -6.56 -10.33
CA SER A 17 34.62 -5.97 -11.55
C SER A 17 35.29 -4.63 -11.85
N ILE A 18 35.37 -3.75 -10.85
CA ILE A 18 35.97 -2.45 -11.09
C ILE A 18 37.44 -2.58 -11.43
N ALA A 19 38.14 -3.49 -10.74
CA ALA A 19 39.55 -3.69 -11.04
C ALA A 19 39.75 -4.13 -12.48
N LYS A 20 38.90 -5.06 -12.95
CA LYS A 20 39.01 -5.51 -14.34
C LYS A 20 38.71 -4.38 -15.32
N ILE A 21 37.69 -3.58 -15.03
CA ILE A 21 37.31 -2.53 -15.98
C ILE A 21 38.41 -1.49 -16.10
N LEU A 22 38.95 -1.03 -14.98
CA LEU A 22 39.96 0.02 -15.05
C LEU A 22 41.36 -0.50 -15.33
N SER A 23 41.61 -1.80 -15.20
CA SER A 23 42.93 -2.35 -15.43
C SER A 23 43.15 -2.81 -16.86
N ARG A 24 42.12 -2.76 -17.70
CA ARG A 24 42.22 -3.09 -19.12
C ARG A 24 42.71 -4.51 -19.36
N GLY A 25 42.47 -5.41 -18.42
CA GLY A 25 42.80 -6.81 -18.59
C GLY A 25 44.07 -7.27 -17.88
N SER A 26 44.94 -6.34 -17.49
CA SER A 26 46.20 -6.68 -16.84
C SER A 26 46.01 -6.59 -15.33
N LEU A 27 46.09 -7.73 -14.66
CA LEU A 27 45.87 -7.80 -13.22
C LEU A 27 46.92 -8.70 -12.59
N SER A 28 47.21 -8.45 -11.31
CA SER A 28 47.95 -9.39 -10.48
C SER A 28 47.12 -9.65 -9.23
N SER A 29 46.61 -10.87 -9.10
CA SER A 29 45.69 -11.21 -8.02
C SER A 29 46.42 -11.92 -6.89
N HIS A 30 45.90 -11.75 -5.68
CA HIS A 30 46.50 -12.39 -4.51
C HIS A 30 45.43 -12.55 -3.44
N LYS A 31 45.59 -13.58 -2.62
CA LYS A 31 44.64 -13.87 -1.55
C LYS A 31 45.16 -13.35 -0.23
N GLY A 32 44.30 -12.66 0.51
CA GLY A 32 44.66 -12.07 1.79
C GLY A 32 44.52 -13.06 2.93
N LEU A 33 44.68 -12.53 4.15
CA LEU A 33 44.61 -13.38 5.33
C LEU A 33 43.20 -13.78 5.70
N ASN A 34 42.20 -12.97 5.35
CA ASN A 34 40.82 -13.30 5.69
C ASN A 34 40.38 -14.59 5.00
N GLY A 35 40.77 -14.76 3.74
CA GLY A 35 40.32 -15.88 2.95
C GLY A 35 39.07 -15.64 2.16
N ALA A 36 38.38 -14.52 2.41
CA ALA A 36 37.21 -14.12 1.64
C ALA A 36 37.41 -12.79 0.95
N CYS A 37 38.56 -12.16 1.11
CA CYS A 37 38.87 -10.89 0.47
C CYS A 37 40.14 -11.04 -0.35
N SER A 38 40.12 -10.47 -1.56
CA SER A 38 41.24 -10.57 -2.48
C SER A 38 41.85 -9.20 -2.72
N VAL A 39 43.13 -9.19 -3.06
CA VAL A 39 43.86 -7.96 -3.35
C VAL A 39 44.37 -8.01 -4.77
N HIS A 40 44.08 -6.96 -5.54
CA HIS A 40 44.48 -6.86 -6.94
C HIS A 40 45.46 -5.72 -7.10
N GLU A 41 46.47 -5.93 -7.94
CA GLU A 41 47.51 -4.93 -8.16
C GLU A 41 47.70 -4.70 -9.65
N TYR A 42 47.86 -3.43 -10.03
CA TYR A 42 48.14 -3.11 -11.41
C TYR A 42 48.65 -1.67 -11.54
N THR A 43 49.31 -1.38 -12.65
CA THR A 43 49.91 -0.07 -12.86
C THR A 43 48.98 0.85 -13.65
N GLY A 44 49.17 2.16 -13.48
CA GLY A 44 48.36 3.11 -14.20
C GLY A 44 48.80 4.53 -13.89
N THR A 45 47.91 5.50 -14.14
CA THR A 45 48.21 6.90 -13.85
C THR A 45 47.05 7.55 -13.10
N PHE A 46 47.39 8.38 -12.12
CA PHE A 46 46.37 9.01 -11.26
C PHE A 46 46.38 10.53 -11.36
N ALA A 47 47.50 11.18 -11.04
CA ALA A 47 47.55 12.64 -10.95
C ALA A 47 48.81 13.17 -11.61
N GLY A 48 49.10 12.69 -12.81
CA GLY A 48 50.24 13.15 -13.57
C GLY A 48 51.48 12.30 -13.43
N GLN A 49 51.51 11.38 -12.47
CA GLN A 49 52.65 10.50 -12.31
C GLN A 49 52.16 9.05 -12.29
N PRO A 50 53.00 8.12 -12.73
CA PRO A 50 52.61 6.71 -12.65
C PRO A 50 52.35 6.30 -11.21
N VAL A 51 51.32 5.49 -11.03
CA VAL A 51 50.87 5.08 -9.71
C VAL A 51 50.51 3.60 -9.77
N ARG A 52 50.86 2.87 -8.70
CA ARG A 52 50.45 1.48 -8.57
C ARG A 52 49.14 1.42 -7.81
N PHE A 53 48.12 0.84 -8.45
CA PHE A 53 46.80 0.71 -7.86
C PHE A 53 46.72 -0.60 -7.11
N LYS A 54 46.21 -0.55 -5.88
CA LYS A 54 45.93 -1.72 -5.06
C LYS A 54 44.45 -1.69 -4.68
N MET A 55 43.71 -2.72 -5.09
CA MET A 55 42.26 -2.76 -4.92
C MET A 55 41.88 -3.90 -3.98
N THR A 56 40.93 -3.63 -3.08
CA THR A 56 40.49 -4.62 -2.12
C THR A 56 39.05 -4.32 -1.72
N SER A 57 38.47 -5.20 -0.91
CA SER A 57 37.07 -5.10 -0.55
C SER A 57 36.87 -5.47 0.91
N VAL A 58 35.80 -4.93 1.50
CA VAL A 58 35.37 -5.30 2.84
C VAL A 58 33.94 -5.82 2.74
N CYS A 59 33.58 -6.72 3.65
CA CYS A 59 32.28 -7.38 3.61
C CYS A 59 31.31 -6.62 4.49
N GLY A 60 30.54 -5.73 3.88
CA GLY A 60 29.48 -5.04 4.57
C GLY A 60 29.99 -4.17 5.71
N HIS A 61 29.17 -4.07 6.75
CA HIS A 61 29.53 -3.29 7.91
C HIS A 61 30.76 -3.90 8.60
N VAL A 62 31.58 -3.03 9.17
CA VAL A 62 32.79 -3.44 9.87
C VAL A 62 32.63 -3.38 11.38
N MET A 63 31.97 -2.34 11.87
CA MET A 63 31.76 -2.16 13.30
C MET A 63 30.27 -2.08 13.62
N THR A 64 29.91 -2.53 14.81
CA THR A 64 28.56 -2.42 15.33
C THR A 64 28.61 -1.86 16.73
N LEU A 65 27.54 -1.15 17.10
CA LEU A 65 27.48 -0.40 18.34
C LEU A 65 27.02 -1.28 19.48
N ASP A 66 27.64 -1.13 20.65
CA ASP A 66 27.31 -1.99 21.77
C ASP A 66 27.74 -1.30 23.07
N PHE A 67 27.42 -1.97 24.18
CA PHE A 67 27.70 -1.49 25.52
C PHE A 67 29.03 -2.05 26.03
N LEU A 68 29.55 -1.41 27.06
CA LEU A 68 30.76 -1.89 27.73
C LEU A 68 30.39 -3.00 28.69
N GLY A 69 31.36 -3.43 29.50
CA GLY A 69 31.08 -4.40 30.54
C GLY A 69 30.27 -3.80 31.67
N LYS A 70 29.79 -4.68 32.54
CA LYS A 70 29.06 -4.33 33.75
C LYS A 70 27.66 -3.83 33.43
N TYR A 71 27.39 -3.55 32.16
CA TYR A 71 26.06 -3.13 31.74
C TYR A 71 25.44 -4.07 30.72
N ASN A 72 26.23 -4.91 30.07
CA ASN A 72 25.69 -5.87 29.13
C ASN A 72 25.20 -7.14 29.78
N LYS A 73 25.48 -7.33 31.07
CA LYS A 73 24.98 -8.46 31.84
C LYS A 73 23.78 -7.98 32.65
N TRP A 74 22.59 -8.47 32.38
CA TRP A 74 21.40 -7.95 33.06
C TRP A 74 21.47 -8.24 34.54
N ASP A 75 20.35 -8.19 35.21
CA ASP A 75 20.22 -8.48 36.64
C ASP A 75 21.28 -7.79 37.48
N LYS A 76 21.96 -6.79 36.92
CA LYS A 76 22.97 -6.04 37.63
C LYS A 76 22.84 -4.54 37.49
N VAL A 77 22.10 -4.05 36.50
CA VAL A 77 21.83 -2.63 36.33
C VAL A 77 20.34 -2.44 36.08
N ASP A 78 19.78 -1.39 36.67
CA ASP A 78 18.39 -1.07 36.42
C ASP A 78 18.22 -0.64 34.96
N PRO A 79 17.15 -1.08 34.29
CA PRO A 79 16.97 -0.69 32.89
C PRO A 79 16.96 0.80 32.64
N ALA A 80 16.36 1.58 33.55
CA ALA A 80 16.32 3.02 33.36
C ALA A 80 17.70 3.63 33.34
N GLU A 81 18.71 2.91 33.83
CA GLU A 81 20.07 3.43 33.81
C GLU A 81 20.65 3.47 32.40
N LEU A 82 20.12 2.68 31.48
CA LEU A 82 20.70 2.60 30.14
C LEU A 82 20.47 3.85 29.31
N PHE A 83 19.50 4.69 29.67
CA PHE A 83 19.07 5.74 28.74
C PHE A 83 20.14 6.80 28.56
N SER A 84 20.69 7.32 29.66
CA SER A 84 21.61 8.44 29.54
C SER A 84 22.81 8.33 30.47
N GLN A 85 23.24 7.11 30.79
CA GLN A 85 24.42 6.95 31.62
C GLN A 85 25.30 5.76 31.23
N ALA A 86 24.95 5.02 30.19
CA ALA A 86 25.67 3.81 29.84
C ALA A 86 26.72 4.13 28.78
N PRO A 87 28.01 3.92 29.05
CA PRO A 87 29.01 4.15 28.02
C PRO A 87 28.78 3.26 26.81
N THR A 88 29.14 3.78 25.64
CA THR A 88 28.88 3.13 24.37
C THR A 88 30.18 3.01 23.59
N GLU A 89 30.35 1.91 22.88
CA GLU A 89 31.55 1.72 22.07
C GLU A 89 31.18 0.95 20.81
N LYS A 90 32.15 0.84 19.91
CA LYS A 90 31.99 0.10 18.66
C LYS A 90 32.91 -1.11 18.69
N LYS A 91 32.35 -2.27 18.36
CA LYS A 91 33.13 -3.50 18.32
C LYS A 91 32.89 -4.20 16.99
N GLU A 92 33.83 -5.05 16.62
CA GLU A 92 33.78 -5.69 15.31
C GLU A 92 32.56 -6.60 15.18
N ALA A 93 31.97 -6.59 13.99
CA ALA A 93 30.98 -7.58 13.59
C ALA A 93 31.65 -8.56 12.64
N ASN A 94 31.24 -9.82 12.74
CA ASN A 94 31.89 -10.92 12.04
C ASN A 94 33.36 -11.00 12.42
N PRO A 95 33.67 -11.22 13.70
CA PRO A 95 35.08 -11.21 14.13
C PRO A 95 35.93 -12.27 13.46
N LYS A 96 35.32 -13.32 12.91
CA LYS A 96 36.08 -14.33 12.20
C LYS A 96 36.89 -13.71 11.06
N LEU A 97 36.37 -12.64 10.47
CA LEU A 97 37.09 -11.91 9.43
C LEU A 97 37.80 -10.74 10.08
N ASN A 98 39.11 -10.85 10.24
CA ASN A 98 39.85 -9.78 10.89
C ASN A 98 39.93 -8.57 9.95
N MET A 99 38.81 -7.88 9.78
CA MET A 99 38.75 -6.82 8.79
C MET A 99 39.68 -5.66 9.14
N VAL A 100 39.73 -5.28 10.41
CA VAL A 100 40.56 -4.14 10.80
C VAL A 100 42.03 -4.44 10.57
N LYS A 101 42.48 -5.61 11.02
CA LYS A 101 43.88 -5.97 10.83
C LYS A 101 44.23 -6.11 9.36
N PHE A 102 43.30 -6.67 8.58
CA PHE A 102 43.51 -6.79 7.14
C PHE A 102 43.67 -5.42 6.50
N LEU A 103 42.80 -4.47 6.88
CA LEU A 103 42.89 -3.14 6.30
C LEU A 103 44.21 -2.48 6.69
N GLN A 104 44.64 -2.64 7.94
CA GLN A 104 45.89 -2.03 8.35
C GLN A 104 47.08 -2.61 7.59
N VAL A 105 47.15 -3.95 7.50
CA VAL A 105 48.30 -4.57 6.86
C VAL A 105 48.31 -4.28 5.36
N GLU A 106 47.14 -4.21 4.72
CA GLU A 106 47.09 -3.93 3.30
C GLU A 106 47.17 -2.46 2.97
N GLY A 107 47.00 -1.57 3.95
CA GLY A 107 47.11 -0.15 3.69
C GLY A 107 48.40 0.45 4.19
N ARG A 108 49.21 -0.33 4.90
CA ARG A 108 50.50 0.17 5.34
C ARG A 108 51.33 0.65 4.16
N GLY A 109 51.86 1.86 4.27
CA GLY A 109 52.68 2.43 3.24
C GLY A 109 51.94 3.11 2.11
N CYS A 110 50.61 3.10 2.11
CA CYS A 110 49.85 3.76 1.06
C CYS A 110 49.93 5.27 1.21
N ASP A 111 49.61 5.97 0.14
CA ASP A 111 49.68 7.42 0.13
C ASP A 111 48.31 8.06 -0.08
N TYR A 112 47.52 7.58 -1.03
CA TYR A 112 46.19 8.10 -1.31
C TYR A 112 45.17 6.98 -1.14
N ILE A 113 43.94 7.35 -0.83
CA ILE A 113 42.87 6.39 -0.62
C ILE A 113 41.66 6.82 -1.42
N VAL A 114 41.06 5.87 -2.16
CA VAL A 114 39.87 6.11 -2.97
C VAL A 114 38.80 5.13 -2.53
N LEU A 115 37.58 5.60 -2.38
CA LEU A 115 36.51 4.83 -1.76
C LEU A 115 35.40 4.57 -2.77
N TRP A 116 35.33 3.34 -3.26
CA TRP A 116 34.26 2.93 -4.17
C TRP A 116 33.12 2.26 -3.42
N LEU A 117 32.63 2.91 -2.37
CA LEU A 117 31.55 2.32 -1.60
C LEU A 117 30.20 2.68 -2.21
N ASP A 118 29.14 2.09 -1.66
CA ASP A 118 27.81 2.33 -2.16
C ASP A 118 27.41 3.78 -1.96
N CYS A 119 26.51 4.26 -2.82
CA CYS A 119 26.10 5.66 -2.79
C CYS A 119 24.88 5.90 -1.91
N ASP A 120 24.39 4.90 -1.20
CA ASP A 120 23.25 5.08 -0.32
C ASP A 120 23.67 5.75 0.98
N LYS A 121 22.71 5.89 1.91
CA LYS A 121 22.99 6.51 3.19
C LYS A 121 23.81 5.60 4.10
N GLU A 122 23.57 4.30 4.04
CA GLU A 122 24.29 3.32 4.86
C GLU A 122 25.64 2.96 4.29
N GLY A 123 26.18 3.77 3.40
CA GLY A 123 27.48 3.51 2.83
C GLY A 123 28.55 4.46 3.37
N GLU A 124 28.15 5.69 3.63
CA GLU A 124 29.12 6.65 4.12
C GLU A 124 29.53 6.36 5.57
N ASN A 125 28.70 5.66 6.32
CA ASN A 125 29.13 5.21 7.63
C ASN A 125 30.27 4.21 7.52
N ILE A 126 30.16 3.26 6.59
CA ILE A 126 31.26 2.34 6.32
C ILE A 126 32.47 3.12 5.83
N CYS A 127 32.23 4.15 5.03
CA CYS A 127 33.30 5.02 4.57
C CYS A 127 34.10 5.56 5.74
N PHE A 128 33.42 6.17 6.71
CA PHE A 128 34.16 6.82 7.78
C PHE A 128 34.75 5.81 8.75
N GLU A 129 34.14 4.64 8.89
CA GLU A 129 34.77 3.59 9.68
C GLU A 129 36.08 3.15 9.03
N VAL A 130 36.08 2.98 7.71
CA VAL A 130 37.31 2.61 7.02
C VAL A 130 38.37 3.68 7.17
N LEU A 131 37.97 4.96 7.11
CA LEU A 131 38.95 6.02 7.36
C LEU A 131 39.51 5.96 8.77
N ASP A 132 38.65 5.75 9.77
CA ASP A 132 39.15 5.65 11.13
C ASP A 132 40.10 4.47 11.29
N ALA A 133 39.90 3.41 10.51
CA ALA A 133 40.81 2.27 10.56
C ALA A 133 42.13 2.56 9.87
N VAL A 134 42.09 3.22 8.72
CA VAL A 134 43.25 3.24 7.82
C VAL A 134 44.11 4.50 7.98
N LEU A 135 43.49 5.65 8.24
CA LEU A 135 44.25 6.89 8.36
C LEU A 135 45.41 6.85 9.33
N PRO A 136 45.31 6.22 10.51
CA PRO A 136 46.49 6.21 11.39
C PRO A 136 47.74 5.66 10.75
N VAL A 137 47.63 4.63 9.91
CA VAL A 137 48.78 4.03 9.26
C VAL A 137 48.72 4.43 7.78
N MET A 138 49.49 5.46 7.44
CA MET A 138 49.52 6.01 6.09
C MET A 138 50.57 7.12 6.06
N ASN A 139 51.13 7.35 4.88
CA ASN A 139 52.14 8.40 4.74
C ASN A 139 51.50 9.76 4.99
N LYS A 140 52.18 10.59 5.77
CA LYS A 140 51.64 11.91 6.10
C LYS A 140 51.57 12.77 4.85
N ALA A 141 50.59 13.68 4.82
CA ALA A 141 50.39 14.53 3.66
C ALA A 141 51.48 15.59 3.57
N HIS A 142 51.64 16.13 2.36
CA HIS A 142 52.61 17.18 2.09
C HIS A 142 51.89 18.40 1.55
N GLY A 143 52.32 19.58 1.99
CA GLY A 143 51.71 20.81 1.54
C GLY A 143 50.27 20.98 1.98
N GLY A 144 49.38 21.15 1.02
CA GLY A 144 47.97 21.30 1.30
C GLY A 144 47.12 20.47 0.36
N GLU A 145 47.64 19.30 -0.02
CA GLU A 145 46.98 18.46 -0.99
C GLU A 145 45.93 17.56 -0.34
N LYS A 146 44.88 17.27 -1.09
CA LYS A 146 43.81 16.41 -0.61
C LYS A 146 44.16 14.95 -0.85
N THR A 147 43.94 14.12 0.16
CA THR A 147 44.32 12.72 0.09
C THR A 147 43.14 11.77 -0.04
N VAL A 148 42.13 11.92 0.80
CA VAL A 148 40.97 11.03 0.76
C VAL A 148 40.06 11.42 -0.39
N PHE A 149 39.58 10.43 -1.13
CA PHE A 149 38.73 10.64 -2.28
C PHE A 149 37.55 9.67 -2.24
N ARG A 150 36.45 10.06 -2.90
CA ARG A 150 35.30 9.20 -3.04
C ARG A 150 34.79 9.26 -4.48
N ALA A 151 34.24 8.15 -4.94
CA ALA A 151 33.74 8.04 -6.30
C ALA A 151 32.24 7.76 -6.27
N ARG A 152 31.52 8.32 -7.23
CA ARG A 152 30.09 8.15 -7.33
C ARG A 152 29.76 7.37 -8.60
N PHE A 153 29.01 6.30 -8.45
CA PHE A 153 28.66 5.45 -9.58
C PHE A 153 27.30 4.82 -9.34
N SER A 154 26.66 4.41 -10.43
CA SER A 154 25.38 3.73 -10.36
C SER A 154 25.43 2.34 -10.97
N SER A 155 26.01 2.20 -12.16
CA SER A 155 26.09 0.93 -12.86
C SER A 155 27.52 0.39 -12.82
N ILE A 156 27.72 -0.75 -13.47
CA ILE A 156 29.03 -1.40 -13.49
C ILE A 156 29.45 -1.54 -14.96
N THR A 157 29.07 -0.56 -15.77
CA THR A 157 29.46 -0.55 -17.17
C THR A 157 30.75 0.23 -17.39
N ASP A 158 31.34 0.04 -18.57
CA ASP A 158 32.64 0.62 -18.87
C ASP A 158 32.61 2.14 -18.78
N THR A 159 31.68 2.76 -19.51
CA THR A 159 31.63 4.21 -19.57
C THR A 159 31.33 4.81 -18.20
N ASP A 160 30.38 4.21 -17.47
CA ASP A 160 30.02 4.74 -16.16
C ASP A 160 31.19 4.69 -15.20
N ILE A 161 31.90 3.56 -15.16
CA ILE A 161 33.03 3.44 -14.23
C ILE A 161 34.15 4.40 -14.63
N CYS A 162 34.45 4.51 -15.92
CA CYS A 162 35.52 5.40 -16.35
C CYS A 162 35.19 6.85 -16.04
N ASN A 163 33.95 7.27 -16.28
CA ASN A 163 33.57 8.64 -15.93
C ASN A 163 33.62 8.86 -14.42
N ALA A 164 33.20 7.85 -13.63
CA ALA A 164 33.28 7.97 -12.19
C ALA A 164 34.71 8.16 -11.73
N MET A 165 35.66 7.49 -12.40
CA MET A 165 37.06 7.74 -12.08
C MET A 165 37.49 9.12 -12.53
N ALA A 166 36.92 9.61 -13.63
CA ALA A 166 37.29 10.93 -14.13
C ALA A 166 36.89 12.04 -13.17
N CYS A 167 35.71 11.95 -12.56
CA CYS A 167 35.21 12.97 -11.66
C CYS A 167 35.08 12.43 -10.24
N LEU A 168 35.69 13.12 -9.28
CA LEU A 168 35.75 12.67 -7.90
C LEU A 168 35.24 13.75 -6.96
N GLY A 169 35.08 13.39 -5.70
CA GLY A 169 34.52 14.28 -4.70
C GLY A 169 35.05 14.00 -3.30
N GLU A 170 34.23 14.29 -2.30
CA GLU A 170 34.58 14.15 -0.90
C GLU A 170 33.41 13.53 -0.16
N PRO A 171 33.66 12.89 0.99
CA PRO A 171 32.57 12.28 1.77
C PRO A 171 31.81 13.33 2.58
N ASP A 172 30.80 12.86 3.32
CA ASP A 172 29.90 13.73 4.08
C ASP A 172 29.81 13.27 5.53
N HIS A 173 30.57 13.94 6.40
CA HIS A 173 30.54 13.62 7.82
C HIS A 173 29.16 13.85 8.41
N ASN A 174 28.49 14.92 7.98
CA ASN A 174 27.15 15.20 8.48
C ASN A 174 26.17 14.12 8.05
N GLU A 175 26.44 13.46 6.92
CA GLU A 175 25.58 12.36 6.52
C GLU A 175 25.87 11.09 7.33
N ALA A 176 27.14 10.86 7.66
CA ALA A 176 27.47 9.68 8.48
C ALA A 176 26.91 9.81 9.89
N LEU A 177 26.91 11.02 10.43
CA LEU A 177 26.46 11.21 11.81
C LEU A 177 24.98 10.87 11.97
N SER A 178 24.17 11.04 10.92
CA SER A 178 22.76 10.68 11.01
C SER A 178 22.59 9.18 11.25
N VAL A 179 23.32 8.36 10.49
CA VAL A 179 23.25 6.92 10.68
C VAL A 179 23.77 6.54 12.06
N ASP A 180 24.84 7.20 12.50
CA ASP A 180 25.35 6.90 13.84
C ASP A 180 24.31 7.19 14.91
N ALA A 181 23.63 8.33 14.80
CA ALA A 181 22.59 8.68 15.77
C ALA A 181 21.45 7.67 15.73
N ARG A 182 21.06 7.24 14.54
CA ARG A 182 19.99 6.26 14.43
C ARG A 182 20.37 4.96 15.14
N GLN A 183 21.60 4.50 14.93
CA GLN A 183 22.06 3.28 15.58
C GLN A 183 21.99 3.42 17.10
N GLU A 184 22.50 4.53 17.62
CA GLU A 184 22.51 4.72 19.06
C GLU A 184 21.10 4.73 19.62
N LEU A 185 20.19 5.45 18.97
CA LEU A 185 18.83 5.56 19.46
C LEU A 185 18.14 4.20 19.47
N ASP A 186 18.28 3.44 18.38
CA ASP A 186 17.63 2.15 18.29
C ASP A 186 18.13 1.21 19.38
N LEU A 187 19.45 1.14 19.56
CA LEU A 187 19.98 0.23 20.58
C LEU A 187 19.51 0.62 21.96
N ARG A 188 19.57 1.91 22.29
CA ARG A 188 19.15 2.35 23.62
C ARG A 188 17.69 1.96 23.88
N ILE A 189 16.78 2.31 22.96
CA ILE A 189 15.36 2.08 23.20
C ILE A 189 15.07 0.59 23.30
N GLY A 190 15.61 -0.20 22.37
CA GLY A 190 15.31 -1.62 22.37
C GLY A 190 15.82 -2.32 23.61
N CYS A 191 17.07 -2.06 23.98
CA CYS A 191 17.62 -2.73 25.14
C CYS A 191 16.95 -2.25 26.43
N ALA A 192 16.44 -1.03 26.44
CA ALA A 192 15.73 -0.57 27.62
C ALA A 192 14.40 -1.27 27.79
N PHE A 193 13.61 -1.36 26.73
CA PHE A 193 12.26 -1.89 26.88
C PHE A 193 12.26 -3.41 26.99
N THR A 194 13.08 -4.10 26.19
CA THR A 194 13.04 -5.56 26.18
C THR A 194 13.43 -6.12 27.54
N ARG A 195 14.45 -5.55 28.17
CA ARG A 195 14.91 -6.05 29.46
C ARG A 195 13.80 -5.97 30.51
N PHE A 196 13.17 -4.80 30.63
CA PHE A 196 12.12 -4.66 31.64
C PHE A 196 10.95 -5.59 31.36
N GLN A 197 10.51 -5.66 30.11
CA GLN A 197 9.37 -6.50 29.78
C GLN A 197 9.67 -7.96 30.10
N THR A 198 10.82 -8.47 29.65
CA THR A 198 11.13 -9.87 29.85
C THR A 198 11.60 -10.19 31.26
N LYS A 199 11.89 -9.17 32.07
CA LYS A 199 12.20 -9.43 33.47
C LYS A 199 10.98 -9.32 34.36
N TYR A 200 9.94 -8.66 33.90
CA TYR A 200 8.70 -8.63 34.68
C TYR A 200 7.77 -9.78 34.32
N PHE A 201 7.52 -9.99 33.04
CA PHE A 201 6.52 -10.98 32.65
C PHE A 201 7.02 -12.41 32.78
N GLN A 202 8.33 -12.61 32.84
CA GLN A 202 8.88 -13.97 32.82
C GLN A 202 8.60 -14.70 34.13
N GLY A 203 8.88 -14.06 35.25
CA GLY A 203 8.85 -14.74 36.51
C GLY A 203 7.53 -14.70 37.25
N LYS A 204 6.49 -14.14 36.66
CA LYS A 204 5.23 -13.95 37.37
C LYS A 204 4.02 -14.52 36.65
N TYR A 205 4.17 -15.14 35.49
CA TYR A 205 3.01 -15.62 34.74
C TYR A 205 3.21 -17.03 34.21
N GLY A 206 3.97 -17.86 34.92
CA GLY A 206 3.94 -19.28 34.65
C GLY A 206 4.77 -19.72 33.47
N ASP A 207 4.09 -20.04 32.36
CA ASP A 207 4.72 -20.71 31.23
C ASP A 207 5.45 -19.76 30.29
N LEU A 208 5.87 -18.58 30.76
CA LEU A 208 6.75 -17.71 29.99
C LEU A 208 8.18 -17.73 30.48
N ASP A 209 8.56 -18.69 31.32
CA ASP A 209 9.97 -18.85 31.60
C ASP A 209 10.70 -19.36 30.36
N SER A 210 11.97 -19.00 30.25
CA SER A 210 12.77 -19.28 29.06
C SER A 210 12.08 -18.74 27.81
N SER A 211 11.45 -17.58 27.94
CA SER A 211 10.80 -16.91 26.83
C SER A 211 11.30 -15.47 26.76
N LEU A 212 11.27 -14.91 25.56
CA LEU A 212 11.72 -13.55 25.33
C LEU A 212 10.58 -12.71 24.77
N ILE A 213 10.32 -11.58 25.42
CA ILE A 213 9.37 -10.59 24.96
C ILE A 213 10.15 -9.36 24.54
N SER A 214 10.11 -9.03 23.25
CA SER A 214 11.00 -8.03 22.68
C SER A 214 10.20 -6.86 22.15
N PHE A 215 10.80 -5.68 22.25
CA PHE A 215 10.22 -4.45 21.73
C PHE A 215 11.25 -3.76 20.86
N GLY A 216 10.76 -3.05 19.86
CA GLY A 216 11.62 -2.32 18.96
C GLY A 216 10.85 -1.46 17.98
N PRO A 217 11.54 -0.56 17.30
CA PRO A 217 10.86 0.33 16.35
C PRO A 217 10.33 -0.36 15.09
N CYS A 218 10.59 -1.64 14.88
CA CYS A 218 10.09 -2.34 13.70
C CYS A 218 9.19 -3.52 14.04
N GLN A 219 9.63 -4.39 14.95
CA GLN A 219 8.83 -5.57 15.29
C GLN A 219 7.47 -5.18 15.82
N THR A 220 7.43 -4.17 16.69
CA THR A 220 6.16 -3.79 17.31
C THR A 220 5.17 -3.23 16.29
N PRO A 221 5.53 -2.29 15.40
CA PRO A 221 4.58 -1.91 14.34
C PRO A 221 4.20 -3.06 13.42
N THR A 222 5.14 -3.96 13.12
CA THR A 222 4.80 -5.10 12.27
C THR A 222 3.72 -5.96 12.92
N LEU A 223 3.84 -6.21 14.22
CA LEU A 223 2.81 -6.94 14.92
C LEU A 223 1.52 -6.15 14.97
N GLY A 224 1.63 -4.82 15.09
CA GLY A 224 0.45 -3.99 15.16
C GLY A 224 -0.42 -4.10 13.92
N PHE A 225 0.19 -4.18 12.76
CA PHE A 225 -0.57 -4.35 11.53
C PHE A 225 -1.44 -5.61 11.59
N CYS A 226 -0.82 -6.74 11.96
CA CYS A 226 -1.54 -8.01 11.97
C CYS A 226 -2.66 -8.00 13.01
N VAL A 227 -2.40 -7.46 14.20
CA VAL A 227 -3.47 -7.48 15.19
C VAL A 227 -4.58 -6.50 14.84
N GLU A 228 -4.26 -5.41 14.15
CA GLU A 228 -5.33 -4.54 13.66
C GLU A 228 -6.22 -5.29 12.67
N ARG A 229 -5.60 -6.07 11.79
CA ARG A 229 -6.40 -6.89 10.88
C ARG A 229 -7.26 -7.89 11.65
N HIS A 230 -6.71 -8.49 12.70
CA HIS A 230 -7.47 -9.46 13.49
C HIS A 230 -8.67 -8.79 14.16
N ASP A 231 -8.48 -7.59 14.71
CA ASP A 231 -9.59 -6.88 15.31
C ASP A 231 -10.67 -6.57 14.29
N LYS A 232 -10.26 -6.12 13.10
CA LYS A 232 -11.24 -5.82 12.07
C LYS A 232 -12.04 -7.06 11.69
N ILE A 233 -11.37 -8.21 11.62
CA ILE A 233 -12.10 -9.46 11.36
C ILE A 233 -13.06 -9.76 12.49
N GLN A 234 -12.63 -9.55 13.73
CA GLN A 234 -13.44 -9.92 14.89
C GLN A 234 -14.65 -9.02 15.08
N SER A 235 -14.63 -7.81 14.53
CA SER A 235 -15.69 -6.83 14.73
C SER A 235 -16.47 -6.53 13.45
N PHE A 236 -16.79 -7.57 12.68
CA PHE A 236 -17.52 -7.42 11.43
C PHE A 236 -18.85 -8.16 11.55
N LYS A 237 -19.93 -7.48 11.17
CA LYS A 237 -21.27 -8.04 11.17
C LYS A 237 -21.78 -8.12 9.74
N PRO A 238 -22.22 -9.29 9.29
CA PRO A 238 -22.67 -9.42 7.90
C PRO A 238 -23.98 -8.68 7.64
N GLU A 239 -24.16 -8.31 6.38
CA GLU A 239 -25.39 -7.71 5.87
C GLU A 239 -25.96 -8.61 4.78
N THR A 240 -27.01 -8.15 4.11
CA THR A 240 -27.67 -8.93 3.08
C THR A 240 -27.77 -8.12 1.78
N TYR A 241 -27.21 -8.68 0.70
CA TYR A 241 -27.34 -8.13 -0.64
C TYR A 241 -28.71 -8.46 -1.22
N TRP A 242 -28.97 -7.91 -2.39
CA TRP A 242 -30.06 -8.38 -3.26
C TRP A 242 -29.73 -7.94 -4.68
N VAL A 243 -29.25 -8.88 -5.49
CA VAL A 243 -28.82 -8.60 -6.86
C VAL A 243 -29.86 -9.18 -7.81
N LEU A 244 -30.18 -8.44 -8.85
CA LEU A 244 -31.19 -8.83 -9.82
C LEU A 244 -30.52 -9.08 -11.16
N GLN A 245 -30.72 -10.28 -11.72
CA GLN A 245 -30.09 -10.63 -12.99
C GLN A 245 -31.09 -11.34 -13.88
N ALA A 246 -30.90 -11.19 -15.18
CA ALA A 246 -31.79 -11.77 -16.18
C ALA A 246 -30.98 -12.16 -17.39
N LYS A 247 -31.53 -13.08 -18.17
CA LYS A 247 -30.82 -13.65 -19.33
C LYS A 247 -31.66 -13.47 -20.58
N VAL A 248 -30.98 -13.16 -21.68
CA VAL A 248 -31.62 -12.87 -22.97
C VAL A 248 -31.06 -13.82 -24.00
N ASN A 249 -31.94 -14.42 -24.81
CA ASN A 249 -31.50 -15.39 -25.80
C ASN A 249 -31.87 -14.91 -27.20
N THR A 250 -30.92 -14.99 -28.12
CA THR A 250 -31.12 -14.53 -29.49
C THR A 250 -31.29 -15.71 -30.46
N ASP A 251 -30.32 -16.59 -30.52
CA ASP A 251 -30.41 -17.81 -31.31
C ASP A 251 -30.63 -18.99 -30.38
N LYS A 252 -31.12 -20.09 -30.94
CA LYS A 252 -31.29 -21.31 -30.16
C LYS A 252 -29.95 -21.75 -29.59
N ASP A 253 -29.96 -22.12 -28.31
CA ASP A 253 -28.76 -22.56 -27.61
C ASP A 253 -27.68 -21.49 -27.61
N ARG A 254 -28.09 -20.23 -27.69
CA ARG A 254 -27.17 -19.09 -27.57
C ARG A 254 -27.82 -18.06 -26.65
N SER A 255 -27.60 -18.21 -25.36
CA SER A 255 -28.12 -17.29 -24.36
C SER A 255 -27.04 -16.29 -23.97
N LEU A 256 -27.43 -15.30 -23.18
CA LEU A 256 -26.52 -14.23 -22.80
C LEU A 256 -26.90 -13.72 -21.42
N LEU A 257 -25.91 -13.69 -20.54
CA LEU A 257 -26.06 -13.22 -19.17
C LEU A 257 -25.89 -11.70 -19.10
N LEU A 258 -26.58 -11.09 -18.16
CA LEU A 258 -26.63 -9.64 -18.05
C LEU A 258 -26.33 -9.22 -16.62
N ASP A 259 -25.94 -7.95 -16.46
CA ASP A 259 -25.65 -7.36 -15.17
C ASP A 259 -26.46 -6.10 -14.97
N TRP A 260 -26.98 -5.92 -13.76
CA TRP A 260 -27.75 -4.74 -13.41
C TRP A 260 -26.86 -3.51 -13.30
N ASP A 261 -27.36 -2.37 -13.79
CA ASP A 261 -26.60 -1.14 -13.68
C ASP A 261 -26.44 -0.71 -12.23
N ARG A 262 -27.52 -0.77 -11.45
CA ARG A 262 -27.45 -0.58 -10.01
C ARG A 262 -27.11 -1.92 -9.39
N VAL A 263 -25.89 -2.04 -8.88
CA VAL A 263 -25.35 -3.35 -8.55
C VAL A 263 -26.09 -3.97 -7.38
N ARG A 264 -26.31 -3.20 -6.32
CA ARG A 264 -26.79 -3.76 -5.06
C ARG A 264 -27.99 -2.98 -4.54
N VAL A 265 -28.87 -3.69 -3.85
CA VAL A 265 -29.97 -3.08 -3.09
C VAL A 265 -30.08 -3.81 -1.77
N PHE A 266 -30.14 -3.05 -0.66
CA PHE A 266 -30.12 -3.62 0.68
C PHE A 266 -31.48 -3.60 1.36
N ASP A 267 -32.56 -3.34 0.64
CA ASP A 267 -33.90 -3.33 1.20
C ASP A 267 -34.75 -4.37 0.47
N ARG A 268 -35.31 -5.30 1.24
CA ARG A 268 -36.05 -6.41 0.64
C ARG A 268 -37.26 -5.90 -0.14
N GLU A 269 -38.00 -4.96 0.44
CA GLU A 269 -39.19 -4.45 -0.24
C GLU A 269 -38.82 -3.72 -1.52
N ILE A 270 -37.75 -2.93 -1.50
CA ILE A 270 -37.32 -2.22 -2.69
C ILE A 270 -36.93 -3.20 -3.79
N ALA A 271 -36.18 -4.24 -3.42
CA ALA A 271 -35.80 -5.24 -4.41
C ALA A 271 -37.02 -5.95 -4.96
N GLN A 272 -37.99 -6.25 -4.11
CA GLN A 272 -39.20 -6.92 -4.58
C GLN A 272 -39.99 -6.03 -5.53
N MET A 273 -40.04 -4.73 -5.24
CA MET A 273 -40.73 -3.81 -6.12
C MET A 273 -40.06 -3.77 -7.49
N PHE A 274 -38.73 -3.71 -7.49
CA PHE A 274 -38.01 -3.71 -8.75
C PHE A 274 -38.25 -5.00 -9.53
N LEU A 275 -38.29 -6.13 -8.83
CA LEU A 275 -38.55 -7.40 -9.50
C LEU A 275 -39.95 -7.43 -10.10
N ASN A 276 -40.96 -7.04 -9.32
CA ASN A 276 -42.32 -7.02 -9.84
C ASN A 276 -42.47 -6.04 -10.99
N MET A 277 -41.61 -5.04 -11.06
CA MET A 277 -41.62 -4.12 -12.18
C MET A 277 -41.00 -4.71 -13.43
N THR A 278 -40.38 -5.89 -13.34
CA THR A 278 -39.61 -6.44 -14.45
C THR A 278 -40.03 -7.86 -14.79
N LYS A 279 -40.53 -8.61 -13.81
CA LYS A 279 -40.74 -10.06 -13.98
C LYS A 279 -41.66 -10.37 -15.14
N LEU A 280 -42.83 -9.71 -15.18
CA LEU A 280 -43.81 -9.96 -16.24
C LEU A 280 -43.46 -9.08 -17.44
N GLU A 281 -42.50 -9.57 -18.23
CA GLU A 281 -42.11 -8.89 -19.45
C GLU A 281 -41.62 -9.93 -20.45
N LYS A 282 -41.65 -9.54 -21.73
CA LYS A 282 -41.28 -10.46 -22.79
C LYS A 282 -40.36 -9.87 -23.86
N GLU A 283 -40.16 -8.56 -23.90
CA GLU A 283 -39.25 -7.97 -24.86
C GLU A 283 -37.94 -7.58 -24.19
N ALA A 284 -36.93 -7.33 -25.01
CA ALA A 284 -35.66 -6.76 -24.56
C ALA A 284 -35.17 -5.83 -25.66
N GLN A 285 -35.12 -4.54 -25.38
CA GLN A 285 -34.67 -3.60 -26.39
C GLN A 285 -33.18 -3.34 -26.24
N VAL A 286 -32.60 -2.71 -27.24
CA VAL A 286 -31.17 -2.38 -27.25
C VAL A 286 -31.04 -0.86 -27.20
N GLU A 287 -30.15 -0.36 -26.35
CA GLU A 287 -29.99 1.06 -26.17
C GLU A 287 -28.73 1.60 -26.82
N ALA A 288 -27.56 1.05 -26.51
CA ALA A 288 -26.32 1.55 -27.06
C ALA A 288 -25.33 0.40 -27.22
N THR A 289 -24.35 0.63 -28.10
CA THR A 289 -23.31 -0.34 -28.39
C THR A 289 -21.97 0.35 -28.26
N SER A 290 -20.97 -0.40 -27.80
CA SER A 290 -19.67 0.16 -27.48
C SER A 290 -18.57 -0.64 -28.17
N ARG A 291 -17.51 0.06 -28.54
CA ARG A 291 -16.34 -0.59 -29.12
C ARG A 291 -15.15 0.35 -28.91
N LYS A 292 -14.33 0.07 -27.89
CA LYS A 292 -13.12 0.83 -27.66
C LYS A 292 -11.91 -0.09 -27.56
N GLU A 293 -10.76 0.44 -27.96
CA GLU A 293 -9.49 -0.24 -27.83
C GLU A 293 -8.82 0.17 -26.52
N LYS A 294 -7.93 -0.69 -26.04
CA LYS A 294 -7.27 -0.48 -24.76
C LYS A 294 -5.96 -1.24 -24.75
N ALA A 295 -5.11 -0.89 -23.78
CA ALA A 295 -3.80 -1.52 -23.66
C ALA A 295 -3.53 -1.91 -22.22
N LYS A 296 -2.87 -3.04 -22.03
CA LYS A 296 -2.41 -3.49 -20.72
C LYS A 296 -0.94 -3.15 -20.58
N GLN A 297 -0.59 -2.37 -19.56
CA GLN A 297 0.76 -1.86 -19.44
C GLN A 297 1.75 -2.99 -19.15
N ARG A 298 2.89 -2.94 -19.84
CA ARG A 298 3.95 -3.90 -19.59
C ARG A 298 4.56 -3.64 -18.21
N PRO A 299 5.07 -4.68 -17.55
CA PRO A 299 5.62 -4.51 -16.21
C PRO A 299 6.87 -3.66 -16.22
N LEU A 300 7.13 -3.01 -15.09
CA LEU A 300 8.32 -2.18 -14.93
C LEU A 300 9.52 -3.07 -14.68
N ALA A 301 10.64 -2.48 -14.28
CA ALA A 301 11.78 -3.26 -13.85
C ALA A 301 11.45 -4.02 -12.58
N LEU A 302 12.38 -4.87 -12.14
CA LEU A 302 12.15 -5.76 -11.02
C LEU A 302 12.90 -5.23 -9.79
N ASN A 303 12.17 -5.05 -8.69
CA ASN A 303 12.72 -4.64 -7.41
C ASN A 303 12.70 -5.80 -6.44
N THR A 304 13.47 -5.66 -5.36
CA THR A 304 13.51 -6.73 -4.36
C THR A 304 12.15 -6.91 -3.69
N VAL A 305 11.43 -5.82 -3.48
CA VAL A 305 10.10 -5.92 -2.86
C VAL A 305 9.16 -6.71 -3.74
N GLU A 306 9.17 -6.43 -5.05
CA GLU A 306 8.27 -7.15 -5.95
C GLU A 306 8.70 -8.61 -6.09
N MET A 307 10.01 -8.87 -6.08
CA MET A 307 10.47 -10.25 -6.05
C MET A 307 9.92 -11.00 -4.85
N LEU A 308 10.04 -10.40 -3.66
CA LEU A 308 9.55 -11.06 -2.46
C LEU A 308 8.04 -11.26 -2.52
N ARG A 309 7.32 -10.27 -3.02
CA ARG A 309 5.86 -10.38 -3.11
C ARG A 309 5.45 -11.54 -4.02
N VAL A 310 6.04 -11.62 -5.21
CA VAL A 310 5.67 -12.68 -6.14
C VAL A 310 6.14 -14.03 -5.62
N ALA A 311 7.31 -14.09 -4.99
CA ALA A 311 7.79 -15.34 -4.44
C ALA A 311 6.86 -15.86 -3.35
N SER A 312 6.35 -14.97 -2.50
CA SER A 312 5.46 -15.41 -1.43
C SER A 312 4.01 -15.57 -1.87
N SER A 313 3.63 -15.04 -3.03
CA SER A 313 2.24 -15.13 -3.46
C SER A 313 2.01 -16.16 -4.56
N SER A 314 3.06 -16.63 -5.24
CA SER A 314 2.89 -17.55 -6.35
C SER A 314 3.82 -18.75 -6.32
N LEU A 315 4.86 -18.75 -5.49
CA LEU A 315 5.83 -19.83 -5.49
C LEU A 315 5.94 -20.54 -4.15
N GLY A 316 5.18 -20.15 -3.15
CA GLY A 316 5.24 -20.81 -1.86
C GLY A 316 6.58 -20.68 -1.17
N MET A 317 7.11 -19.46 -1.14
CA MET A 317 8.42 -19.19 -0.57
C MET A 317 8.29 -18.12 0.51
N GLY A 318 8.92 -18.35 1.64
CA GLY A 318 9.04 -17.32 2.65
C GLY A 318 10.04 -16.28 2.21
N PRO A 319 9.94 -15.07 2.76
CA PRO A 319 10.90 -14.02 2.38
C PRO A 319 12.34 -14.38 2.66
N GLN A 320 12.62 -15.04 3.79
CA GLN A 320 14.01 -15.38 4.11
C GLN A 320 14.54 -16.47 3.19
N HIS A 321 13.72 -17.48 2.90
CA HIS A 321 14.13 -18.51 1.96
C HIS A 321 14.37 -17.92 0.58
N ALA A 322 13.50 -17.01 0.14
CA ALA A 322 13.70 -16.36 -1.14
C ALA A 322 14.98 -15.55 -1.17
N MET A 323 15.27 -14.82 -0.09
CA MET A 323 16.50 -14.03 -0.06
C MET A 323 17.73 -14.92 -0.10
N GLN A 324 17.71 -16.04 0.63
CA GLN A 324 18.84 -16.95 0.61
C GLN A 324 19.06 -17.53 -0.78
N THR A 325 17.99 -17.95 -1.44
CA THR A 325 18.13 -18.49 -2.79
C THR A 325 18.65 -17.43 -3.76
N ALA A 326 18.15 -16.20 -3.65
CA ALA A 326 18.63 -15.13 -4.52
C ALA A 326 20.10 -14.84 -4.28
N GLU A 327 20.52 -14.83 -3.03
CA GLU A 327 21.93 -14.59 -2.71
C GLU A 327 22.80 -15.69 -3.28
N ARG A 328 22.36 -16.95 -3.18
CA ARG A 328 23.13 -18.03 -3.74
C ARG A 328 23.26 -17.90 -5.25
N LEU A 329 22.16 -17.53 -5.93
CA LEU A 329 22.22 -17.33 -7.37
C LEU A 329 23.18 -16.20 -7.73
N TYR A 330 23.18 -15.12 -6.95
CA TYR A 330 24.11 -14.02 -7.22
C TYR A 330 25.55 -14.46 -7.04
N THR A 331 25.84 -15.19 -5.96
CA THR A 331 27.20 -15.61 -5.70
C THR A 331 27.70 -16.54 -6.79
N GLN A 332 26.85 -17.47 -7.24
CA GLN A 332 27.27 -18.37 -8.30
C GLN A 332 27.46 -17.63 -9.62
N GLY A 333 26.76 -16.52 -9.81
CA GLY A 333 26.95 -15.70 -11.00
C GLY A 333 25.87 -15.84 -12.04
N TYR A 334 24.60 -15.86 -11.63
CA TYR A 334 23.49 -16.01 -12.56
C TYR A 334 22.56 -14.80 -12.61
N ILE A 335 22.39 -14.06 -11.52
CA ILE A 335 21.58 -12.85 -11.51
C ILE A 335 22.36 -11.73 -10.87
N SER A 336 21.92 -10.49 -11.14
CA SER A 336 22.61 -9.31 -10.65
C SER A 336 22.27 -9.11 -9.17
N PHE A 337 22.64 -7.95 -8.63
CA PHE A 337 22.60 -7.76 -7.20
C PHE A 337 21.16 -7.78 -6.70
N PRO A 338 20.82 -8.66 -5.75
CA PRO A 338 19.41 -8.89 -5.41
C PRO A 338 18.83 -8.03 -4.29
N ARG A 339 19.48 -6.93 -3.89
CA ARG A 339 18.92 -6.04 -2.87
C ARG A 339 18.95 -4.61 -3.41
N THR A 340 17.95 -4.27 -4.22
CA THR A 340 17.88 -2.97 -4.86
C THR A 340 16.45 -2.46 -4.80
N GLU A 341 16.29 -1.15 -4.70
CA GLU A 341 14.98 -0.51 -4.76
C GLU A 341 14.91 0.52 -5.87
N THR A 342 15.63 0.28 -6.96
CA THR A 342 15.59 1.10 -8.16
C THR A 342 14.90 0.33 -9.27
N THR A 343 13.91 0.95 -9.89
CA THR A 343 13.10 0.31 -10.92
C THR A 343 13.29 0.94 -12.30
N HIS A 344 14.43 1.59 -12.53
CA HIS A 344 14.72 2.23 -13.80
C HIS A 344 16.05 1.71 -14.33
N TYR A 345 16.06 1.27 -15.58
CA TYR A 345 17.27 0.74 -16.16
C TYR A 345 18.29 1.86 -16.37
N PRO A 346 19.57 1.57 -16.18
CA PRO A 346 20.60 2.57 -16.46
C PRO A 346 20.61 2.93 -17.94
N GLU A 347 21.04 4.17 -18.22
CA GLU A 347 21.04 4.64 -19.60
C GLU A 347 21.97 3.80 -20.47
N ASN A 348 23.14 3.45 -19.96
CA ASN A 348 24.09 2.61 -20.67
C ASN A 348 23.95 1.18 -20.16
N PHE A 349 23.39 0.31 -20.99
CA PHE A 349 23.15 -1.07 -20.60
C PHE A 349 23.04 -1.91 -21.87
N ASP A 350 23.65 -3.10 -21.84
CA ASP A 350 23.63 -4.00 -22.99
C ASP A 350 22.36 -4.86 -22.93
N LEU A 351 21.22 -4.18 -23.08
CA LEU A 351 19.94 -4.88 -23.08
C LEU A 351 19.87 -5.88 -24.21
N LYS A 352 20.31 -5.48 -25.41
CA LYS A 352 20.26 -6.38 -26.55
C LYS A 352 21.16 -7.59 -26.31
N GLY A 353 22.34 -7.38 -25.72
CA GLY A 353 23.22 -8.49 -25.45
C GLY A 353 22.66 -9.47 -24.43
N SER A 354 22.12 -8.95 -23.33
CA SER A 354 21.55 -9.83 -22.32
C SER A 354 20.36 -10.60 -22.89
N LEU A 355 19.57 -9.95 -23.74
CA LEU A 355 18.46 -10.67 -24.37
C LEU A 355 18.98 -11.72 -25.34
N ARG A 356 20.07 -11.43 -26.05
CA ARG A 356 20.61 -12.36 -27.02
C ARG A 356 21.27 -13.57 -26.37
N GLN A 357 21.69 -13.43 -25.12
CA GLN A 357 22.29 -14.59 -24.44
C GLN A 357 21.28 -15.69 -24.21
N GLN A 358 20.02 -15.35 -23.91
CA GLN A 358 18.99 -16.34 -23.64
C GLN A 358 18.17 -16.63 -24.91
N ALA A 359 18.88 -17.06 -25.95
CA ALA A 359 18.27 -17.34 -27.24
C ALA A 359 18.34 -18.82 -27.60
N ASN A 360 18.51 -19.70 -26.62
CA ASN A 360 18.60 -21.14 -26.86
C ASN A 360 17.68 -21.97 -25.99
N HIS A 361 17.20 -21.47 -24.87
CA HIS A 361 16.31 -22.25 -24.02
C HIS A 361 14.99 -22.50 -24.73
N PRO A 362 14.49 -23.74 -24.76
CA PRO A 362 13.27 -24.03 -25.52
C PRO A 362 12.03 -23.34 -24.99
N TYR A 363 12.06 -22.79 -23.78
CA TYR A 363 10.85 -22.21 -23.22
C TYR A 363 10.50 -20.87 -23.86
N TRP A 364 11.50 -20.07 -24.28
CA TRP A 364 11.22 -18.76 -24.82
C TRP A 364 12.09 -18.42 -26.03
N ALA A 365 12.66 -19.42 -26.71
CA ALA A 365 13.56 -19.16 -27.81
C ALA A 365 12.85 -18.44 -28.96
N ASP A 366 11.62 -18.84 -29.26
CA ASP A 366 10.89 -18.23 -30.36
C ASP A 366 10.69 -16.74 -30.11
N THR A 367 10.25 -16.40 -28.90
CA THR A 367 10.01 -15.00 -28.57
C THR A 367 11.30 -14.20 -28.59
N VAL A 368 12.39 -14.77 -28.07
CA VAL A 368 13.66 -14.06 -28.07
C VAL A 368 14.10 -13.76 -29.50
N LYS A 369 14.01 -14.77 -30.37
CA LYS A 369 14.43 -14.56 -31.76
C LYS A 369 13.53 -13.55 -32.46
N ARG A 370 12.22 -13.60 -32.21
CA ARG A 370 11.32 -12.64 -32.84
C ARG A 370 11.63 -11.22 -32.41
N LEU A 371 11.89 -11.01 -31.11
CA LEU A 371 12.23 -9.66 -30.66
C LEU A 371 13.53 -9.20 -31.26
N LEU A 372 14.54 -10.07 -31.33
CA LEU A 372 15.81 -9.66 -31.94
C LEU A 372 15.63 -9.31 -33.41
N ALA A 373 14.78 -10.05 -34.12
CA ALA A 373 14.57 -9.75 -35.54
C ALA A 373 13.80 -8.46 -35.74
N GLU A 374 12.75 -8.23 -34.95
CA GLU A 374 11.84 -7.11 -35.18
C GLU A 374 12.16 -5.89 -34.34
N GLY A 375 13.25 -5.89 -33.59
CA GLY A 375 13.62 -4.73 -32.81
C GLY A 375 12.89 -4.64 -31.49
N ILE A 376 13.63 -4.37 -30.42
CA ILE A 376 13.06 -4.36 -29.07
C ILE A 376 12.36 -3.04 -28.81
N ASN A 377 11.60 -2.98 -27.73
CA ASN A 377 10.92 -1.76 -27.30
C ASN A 377 11.64 -1.16 -26.10
N ARG A 378 11.56 0.15 -25.97
CA ARG A 378 12.24 0.83 -24.88
C ARG A 378 11.57 0.45 -23.56
N PRO A 379 12.33 0.34 -22.47
CA PRO A 379 11.72 -0.03 -21.19
C PRO A 379 10.82 1.06 -20.66
N ARG A 380 9.86 0.67 -19.84
CA ARG A 380 9.01 1.64 -19.17
C ARG A 380 9.82 2.40 -18.13
N LYS A 381 9.70 3.72 -18.14
CA LYS A 381 10.46 4.55 -17.22
C LYS A 381 9.95 4.37 -15.80
N GLY A 382 10.81 4.66 -14.83
CA GLY A 382 10.45 4.48 -13.45
C GLY A 382 11.36 5.24 -12.52
N HIS A 383 11.24 4.91 -11.24
CA HIS A 383 11.99 5.60 -10.19
C HIS A 383 13.45 5.18 -10.20
N ASP A 384 14.31 6.11 -9.79
CA ASP A 384 15.73 5.85 -9.62
C ASP A 384 16.16 6.35 -8.25
N ALA A 385 16.98 5.55 -7.57
CA ALA A 385 17.41 5.89 -6.21
C ALA A 385 18.90 5.63 -6.03
N GLY A 386 19.68 5.87 -7.07
CA GLY A 386 21.09 5.52 -7.01
C GLY A 386 21.21 4.02 -6.84
N ASP A 387 21.84 3.60 -5.75
CA ASP A 387 21.85 2.20 -5.30
C ASP A 387 22.42 1.32 -6.41
N HIS A 388 21.69 0.36 -6.93
CA HIS A 388 22.20 -0.60 -7.89
C HIS A 388 21.16 -0.84 -8.97
N PRO A 389 21.58 -1.28 -10.15
CA PRO A 389 20.63 -1.55 -11.23
C PRO A 389 19.70 -2.68 -10.87
N PRO A 390 18.54 -2.78 -11.53
CA PRO A 390 17.57 -3.81 -11.15
C PRO A 390 18.06 -5.23 -11.43
N ILE A 391 17.23 -6.21 -11.07
CA ILE A 391 17.63 -7.60 -11.11
C ILE A 391 17.41 -8.15 -12.52
N THR A 392 18.50 -8.55 -13.16
CA THR A 392 18.47 -9.06 -14.53
C THR A 392 19.29 -10.32 -14.65
N PRO A 393 18.94 -11.21 -15.57
CA PRO A 393 19.77 -12.39 -15.82
C PRO A 393 21.12 -12.03 -16.41
N MET A 394 22.10 -12.88 -16.16
CA MET A 394 23.44 -12.72 -16.71
C MET A 394 23.94 -13.91 -17.50
N LYS A 395 23.67 -15.13 -17.06
CA LYS A 395 24.08 -16.34 -17.74
C LYS A 395 22.85 -17.09 -18.21
N SER A 396 23.08 -18.21 -18.89
CA SER A 396 22.02 -19.03 -19.46
C SER A 396 21.97 -20.35 -18.71
N ALA A 397 20.96 -20.52 -17.87
CA ALA A 397 20.82 -21.72 -17.07
C ALA A 397 19.83 -22.68 -17.71
N THR A 398 19.83 -23.91 -17.21
CA THR A 398 18.93 -24.95 -17.67
C THR A 398 18.28 -25.61 -16.46
N GLU A 399 17.39 -26.56 -16.73
CA GLU A 399 16.72 -27.29 -15.66
C GLU A 399 17.68 -28.15 -14.85
N ALA A 400 18.80 -28.57 -15.44
CA ALA A 400 19.62 -29.60 -14.82
C ALA A 400 20.59 -29.01 -13.81
N GLU A 401 21.41 -28.04 -14.22
CA GLU A 401 22.49 -27.56 -13.36
C GLU A 401 21.95 -26.94 -12.08
N LEU A 402 20.89 -26.16 -12.19
CA LEU A 402 20.18 -25.67 -11.02
C LEU A 402 19.10 -26.68 -10.65
N GLY A 403 18.54 -26.51 -9.47
CA GLY A 403 17.53 -27.46 -9.02
C GLY A 403 16.46 -26.89 -8.12
N GLY A 404 15.20 -27.17 -8.44
CA GLY A 404 14.10 -26.78 -7.58
C GLY A 404 13.92 -25.30 -7.39
N ASP A 405 14.24 -24.82 -6.18
CA ASP A 405 13.97 -23.44 -5.82
C ASP A 405 14.73 -22.46 -6.70
N ALA A 406 15.99 -22.76 -6.98
CA ALA A 406 16.80 -21.86 -7.80
C ALA A 406 16.20 -21.70 -9.18
N TRP A 407 15.76 -22.80 -9.79
CA TRP A 407 15.18 -22.70 -11.11
C TRP A 407 13.83 -22.00 -11.07
N ARG A 408 13.03 -22.23 -10.03
CA ARG A 408 11.74 -21.58 -9.94
C ARG A 408 11.90 -20.07 -9.83
N LEU A 409 12.95 -19.60 -9.16
CA LEU A 409 13.19 -18.16 -9.13
C LEU A 409 13.78 -17.65 -10.45
N TYR A 410 14.68 -18.42 -11.05
CA TYR A 410 15.34 -17.99 -12.28
C TYR A 410 14.35 -17.84 -13.42
N GLU A 411 13.38 -18.75 -13.50
CA GLU A 411 12.37 -18.66 -14.56
C GLU A 411 11.58 -17.36 -14.44
N TYR A 412 11.15 -17.02 -13.23
CA TYR A 412 10.38 -15.79 -13.06
C TYR A 412 11.22 -14.57 -13.38
N ILE A 413 12.48 -14.55 -12.95
CA ILE A 413 13.33 -13.40 -13.23
C ILE A 413 13.51 -13.23 -14.75
N THR A 414 13.82 -14.33 -15.44
CA THR A 414 14.04 -14.24 -16.89
C THR A 414 12.77 -13.84 -17.62
N ARG A 415 11.62 -14.39 -17.22
CA ARG A 415 10.37 -14.03 -17.87
C ARG A 415 10.02 -12.56 -17.64
N HIS A 416 10.26 -12.06 -16.43
CA HIS A 416 10.03 -10.64 -16.18
C HIS A 416 10.92 -9.77 -17.02
N PHE A 417 12.19 -10.16 -17.16
CA PHE A 417 13.12 -9.39 -17.97
C PHE A 417 12.69 -9.37 -19.43
N ILE A 418 12.25 -10.50 -19.96
CA ILE A 418 11.82 -10.53 -21.35
C ILE A 418 10.54 -9.72 -21.53
N ALA A 419 9.65 -9.77 -20.54
CA ALA A 419 8.38 -9.05 -20.67
C ALA A 419 8.58 -7.54 -20.60
N THR A 420 9.53 -7.09 -19.78
CA THR A 420 9.70 -5.64 -19.61
C THR A 420 10.23 -4.96 -20.86
N VAL A 421 10.71 -5.70 -21.84
CA VAL A 421 11.22 -5.12 -23.07
C VAL A 421 10.33 -5.41 -24.28
N SER A 422 9.28 -6.22 -24.11
CA SER A 422 8.39 -6.58 -25.19
C SER A 422 7.31 -5.52 -25.38
N HIS A 423 6.41 -5.77 -26.31
CA HIS A 423 5.34 -4.83 -26.64
C HIS A 423 4.26 -4.88 -25.57
N ASP A 424 3.15 -4.20 -25.81
CA ASP A 424 2.01 -4.19 -24.91
C ASP A 424 0.96 -5.17 -25.39
N CYS A 425 -0.14 -5.24 -24.65
CA CYS A 425 -1.26 -6.12 -24.97
C CYS A 425 -2.45 -5.27 -25.38
N LYS A 426 -3.00 -5.56 -26.56
CA LYS A 426 -4.12 -4.80 -27.10
C LYS A 426 -5.35 -5.68 -27.19
N TYR A 427 -6.44 -5.23 -26.58
CA TYR A 427 -7.70 -5.94 -26.58
C TYR A 427 -8.84 -4.97 -26.79
N LEU A 428 -9.89 -5.43 -27.46
CA LEU A 428 -11.07 -4.62 -27.65
C LEU A 428 -12.16 -5.09 -26.71
N GLN A 429 -12.78 -4.14 -26.02
CA GLN A 429 -13.82 -4.39 -25.03
C GLN A 429 -15.15 -3.91 -25.58
N SER A 430 -16.11 -4.82 -25.70
CA SER A 430 -17.41 -4.51 -26.25
C SER A 430 -18.45 -4.61 -25.15
N THR A 431 -19.19 -3.52 -24.93
CA THR A 431 -20.27 -3.50 -23.95
C THR A 431 -21.56 -3.17 -24.67
N ILE A 432 -22.58 -3.99 -24.46
CA ILE A 432 -23.89 -3.80 -25.08
C ILE A 432 -24.93 -3.67 -23.97
N SER A 433 -25.81 -2.68 -24.11
CA SER A 433 -26.78 -2.29 -23.10
C SER A 433 -28.17 -2.64 -23.57
N PHE A 434 -28.88 -3.45 -22.78
CA PHE A 434 -30.26 -3.81 -23.04
C PHE A 434 -31.17 -3.08 -22.08
N ARG A 435 -32.44 -2.98 -22.47
CA ARG A 435 -33.47 -2.35 -21.66
C ARG A 435 -34.61 -3.32 -21.49
N ILE A 436 -34.96 -3.58 -20.24
CA ILE A 436 -36.10 -4.43 -19.87
C ILE A 436 -37.07 -3.52 -19.15
N GLY A 437 -38.16 -3.16 -19.82
CA GLY A 437 -39.14 -2.28 -19.24
C GLY A 437 -38.52 -0.98 -18.76
N PRO A 438 -38.70 -0.69 -17.47
CA PRO A 438 -38.15 0.55 -16.91
C PRO A 438 -36.70 0.46 -16.47
N GLU A 439 -36.05 -0.70 -16.51
CA GLU A 439 -34.68 -0.81 -16.05
C GLU A 439 -33.76 -1.13 -17.22
N LEU A 440 -32.46 -0.91 -17.02
CA LEU A 440 -31.47 -1.17 -18.05
C LEU A 440 -30.35 -2.02 -17.50
N PHE A 441 -29.94 -3.02 -18.27
CA PHE A 441 -28.84 -3.92 -17.94
C PHE A 441 -27.73 -3.75 -18.97
N THR A 442 -26.54 -4.22 -18.63
CA THR A 442 -25.42 -4.21 -19.55
C THR A 442 -24.67 -5.53 -19.48
N CYS A 443 -24.00 -5.89 -20.58
CA CYS A 443 -23.06 -7.00 -20.55
C CYS A 443 -21.84 -6.67 -21.39
N SER A 444 -20.67 -7.09 -20.89
CA SER A 444 -19.40 -6.70 -21.46
C SER A 444 -18.55 -7.93 -21.77
N GLY A 445 -17.66 -7.78 -22.74
CA GLY A 445 -16.75 -8.85 -23.10
C GLY A 445 -15.48 -8.30 -23.69
N LYS A 446 -14.46 -9.15 -23.77
CA LYS A 446 -13.14 -8.78 -24.27
C LYS A 446 -12.71 -9.73 -25.37
N THR A 447 -11.91 -9.22 -26.29
CA THR A 447 -11.27 -10.05 -27.32
C THR A 447 -9.87 -9.53 -27.60
N VAL A 448 -8.93 -10.44 -27.82
CA VAL A 448 -7.53 -10.06 -27.98
C VAL A 448 -7.25 -9.68 -29.42
N LEU A 449 -6.23 -8.86 -29.63
CA LEU A 449 -5.84 -8.46 -30.97
C LEU A 449 -4.40 -8.84 -31.30
N SER A 450 -3.46 -8.53 -30.42
CA SER A 450 -2.05 -8.82 -30.67
C SER A 450 -1.37 -9.03 -29.32
N PRO A 451 -1.24 -10.27 -28.87
CA PRO A 451 -0.64 -10.52 -27.56
C PRO A 451 0.81 -10.06 -27.54
N GLY A 452 1.22 -9.51 -26.40
CA GLY A 452 2.58 -9.06 -26.24
C GLY A 452 3.29 -9.83 -25.15
N PHE A 453 3.53 -9.17 -24.02
CA PHE A 453 4.19 -9.84 -22.91
C PHE A 453 3.38 -11.01 -22.37
N THR A 454 2.10 -11.09 -22.75
CA THR A 454 1.31 -12.27 -22.41
C THR A 454 1.95 -13.56 -22.92
N GLU A 455 2.66 -13.49 -24.04
CA GLU A 455 3.32 -14.68 -24.56
C GLU A 455 4.43 -15.19 -23.65
N VAL A 456 4.90 -14.37 -22.72
CA VAL A 456 5.95 -14.79 -21.79
C VAL A 456 5.46 -14.87 -20.35
N MET A 457 4.37 -14.17 -20.00
CA MET A 457 3.81 -14.19 -18.66
C MET A 457 2.34 -14.60 -18.76
N PRO A 458 2.06 -15.88 -19.00
CA PRO A 458 0.68 -16.30 -19.25
C PRO A 458 -0.27 -16.00 -18.10
N TRP A 459 0.22 -15.96 -16.86
CA TRP A 459 -0.68 -15.72 -15.75
C TRP A 459 -1.22 -14.30 -15.74
N GLN A 460 -0.70 -13.41 -16.58
CA GLN A 460 -1.28 -12.08 -16.75
C GLN A 460 -2.13 -11.98 -18.02
N SER A 461 -2.58 -13.11 -18.55
CA SER A 461 -3.26 -13.12 -19.83
C SER A 461 -4.67 -12.59 -19.72
N VAL A 462 -5.24 -12.24 -20.87
CA VAL A 462 -6.64 -11.85 -20.98
C VAL A 462 -7.45 -13.11 -21.26
N PRO A 463 -8.39 -13.48 -20.39
CA PRO A 463 -9.16 -14.70 -20.63
C PRO A 463 -9.95 -14.60 -21.92
N LEU A 464 -10.19 -15.75 -22.54
CA LEU A 464 -10.93 -15.80 -23.79
C LEU A 464 -12.38 -16.16 -23.51
N GLU A 465 -13.30 -15.41 -24.12
CA GLU A 465 -14.72 -15.71 -24.02
C GLU A 465 -15.34 -15.49 -25.39
N GLU A 466 -16.51 -16.11 -25.59
CA GLU A 466 -17.21 -15.99 -26.85
C GLU A 466 -17.56 -14.54 -27.12
N SER A 467 -17.34 -14.11 -28.37
CA SER A 467 -17.56 -12.71 -28.72
C SER A 467 -19.04 -12.35 -28.62
N LEU A 468 -19.31 -11.15 -28.13
CA LEU A 468 -20.68 -10.68 -28.05
C LEU A 468 -21.26 -10.52 -29.45
N PRO A 469 -22.50 -10.95 -29.66
CA PRO A 469 -23.10 -10.80 -31.00
C PRO A 469 -23.23 -9.35 -31.40
N THR A 470 -23.02 -9.09 -32.68
CA THR A 470 -23.15 -7.75 -33.22
C THR A 470 -24.63 -7.39 -33.35
N CYS A 471 -25.00 -6.22 -32.85
CA CYS A 471 -26.37 -5.75 -32.92
C CYS A 471 -26.38 -4.27 -33.24
N GLN A 472 -27.48 -3.83 -33.84
CA GLN A 472 -27.70 -2.42 -34.09
C GLN A 472 -28.80 -1.90 -33.18
N ARG A 473 -28.82 -0.58 -32.98
CA ARG A 473 -29.84 0.03 -32.14
C ARG A 473 -31.23 -0.24 -32.72
N GLY A 474 -32.16 -0.59 -31.84
CA GLY A 474 -33.53 -0.84 -32.23
C GLY A 474 -33.91 -2.30 -32.30
N ASP A 475 -32.93 -3.20 -32.32
CA ASP A 475 -33.24 -4.63 -32.36
C ASP A 475 -33.90 -5.05 -31.05
N ALA A 476 -34.76 -6.06 -31.13
CA ALA A 476 -35.47 -6.58 -29.98
C ALA A 476 -35.20 -8.08 -29.85
N PHE A 477 -35.11 -8.55 -28.61
CA PHE A 477 -34.77 -9.93 -28.31
C PHE A 477 -35.71 -10.49 -27.26
N PRO A 478 -35.84 -11.81 -27.19
CA PRO A 478 -36.59 -12.43 -26.09
C PRO A 478 -35.72 -12.71 -24.87
N VAL A 479 -36.35 -12.66 -23.70
CA VAL A 479 -35.70 -12.87 -22.42
C VAL A 479 -36.27 -14.12 -21.76
N GLY A 480 -35.39 -14.94 -21.20
CA GLY A 480 -35.83 -16.19 -20.61
C GLY A 480 -36.60 -16.00 -19.32
N GLU A 481 -35.91 -15.56 -18.27
CA GLU A 481 -36.56 -15.33 -16.98
C GLU A 481 -35.70 -14.36 -16.19
N VAL A 482 -36.35 -13.54 -15.39
CA VAL A 482 -35.69 -12.56 -14.54
C VAL A 482 -35.84 -13.01 -13.09
N LYS A 483 -34.70 -13.26 -12.43
CA LYS A 483 -34.72 -13.84 -11.09
C LYS A 483 -33.79 -13.07 -10.17
N MET A 484 -33.97 -13.28 -8.87
CA MET A 484 -33.17 -12.65 -7.84
C MET A 484 -32.24 -13.65 -7.16
N LEU A 485 -31.18 -13.12 -6.56
CA LEU A 485 -30.22 -13.90 -5.77
C LEU A 485 -29.93 -13.18 -4.48
N GLU A 486 -29.81 -13.94 -3.40
CA GLU A 486 -29.48 -13.40 -2.07
C GLU A 486 -28.03 -13.70 -1.75
N LYS A 487 -27.32 -12.70 -1.23
CA LYS A 487 -25.90 -12.84 -0.94
C LYS A 487 -25.60 -12.15 0.38
N GLN A 488 -24.45 -12.50 0.95
CA GLN A 488 -23.99 -11.96 2.22
C GLN A 488 -22.60 -11.37 2.05
N THR A 489 -22.37 -10.22 2.68
CA THR A 489 -21.07 -9.59 2.63
C THR A 489 -20.03 -10.45 3.33
N ASN A 490 -18.82 -10.50 2.77
CA ASN A 490 -17.87 -11.41 3.38
C ASN A 490 -16.87 -10.67 4.26
N PRO A 491 -16.53 -11.25 5.41
CA PRO A 491 -15.56 -10.60 6.29
C PRO A 491 -14.17 -10.67 5.70
N PRO A 492 -13.30 -9.72 6.05
CA PRO A 492 -11.93 -9.76 5.55
C PRO A 492 -11.15 -10.93 6.12
N ASP A 493 -10.11 -11.32 5.39
CA ASP A 493 -9.26 -12.44 5.77
C ASP A 493 -7.95 -11.93 6.35
N TYR A 494 -7.23 -12.82 7.03
CA TYR A 494 -5.99 -12.45 7.69
C TYR A 494 -4.96 -11.96 6.67
N LEU A 495 -3.99 -11.18 7.14
CA LEU A 495 -3.01 -10.60 6.25
C LEU A 495 -2.15 -11.67 5.60
N THR A 496 -1.81 -11.43 4.34
CA THR A 496 -0.82 -12.24 3.63
C THR A 496 0.53 -11.56 3.68
N GLU A 497 1.57 -12.32 3.32
CA GLU A 497 2.91 -11.78 3.35
C GLU A 497 3.07 -10.64 2.34
N ALA A 498 2.46 -10.78 1.17
CA ALA A 498 2.53 -9.72 0.17
C ALA A 498 1.89 -8.43 0.69
N GLU A 499 0.73 -8.56 1.33
CA GLU A 499 0.07 -7.37 1.88
C GLU A 499 0.90 -6.76 2.99
N LEU A 500 1.53 -7.58 3.83
CA LEU A 500 2.36 -7.02 4.88
C LEU A 500 3.56 -6.29 4.30
N ILE A 501 4.16 -6.83 3.24
CA ILE A 501 5.31 -6.17 2.63
C ILE A 501 4.90 -4.85 2.02
N THR A 502 3.75 -4.81 1.33
CA THR A 502 3.33 -3.55 0.72
C THR A 502 2.84 -2.54 1.75
N LEU A 503 2.41 -3.00 2.92
CA LEU A 503 2.11 -2.06 4.00
C LEU A 503 3.38 -1.54 4.64
N MET A 504 4.40 -2.39 4.77
CA MET A 504 5.68 -1.97 5.32
C MET A 504 6.34 -0.92 4.43
N GLU A 505 6.29 -1.13 3.12
CA GLU A 505 7.06 -0.28 2.21
C GLU A 505 6.57 1.17 2.26
N LYS A 506 5.26 1.38 2.29
CA LYS A 506 4.73 2.74 2.19
C LYS A 506 4.95 3.52 3.48
N HIS A 507 4.93 2.87 4.63
CA HIS A 507 5.03 3.56 5.90
C HIS A 507 6.47 3.80 6.33
N GLY A 508 7.45 3.21 5.66
CA GLY A 508 8.84 3.39 6.00
C GLY A 508 9.39 2.43 7.02
N ILE A 509 8.57 1.50 7.53
CA ILE A 509 9.04 0.55 8.53
C ILE A 509 9.93 -0.48 7.85
N GLY A 510 11.18 -0.55 8.26
CA GLY A 510 12.11 -1.48 7.65
C GLY A 510 12.70 -0.94 6.37
N THR A 511 13.54 -1.76 5.75
CA THR A 511 14.17 -1.39 4.49
C THR A 511 14.29 -2.58 3.55
N ASP A 512 15.03 -2.41 2.46
CA ASP A 512 15.09 -3.44 1.43
C ASP A 512 15.74 -4.73 1.90
N ALA A 513 16.63 -4.65 2.90
CA ALA A 513 17.35 -5.82 3.39
C ALA A 513 17.00 -6.16 4.83
N SER A 514 15.88 -5.65 5.35
CA SER A 514 15.47 -5.94 6.71
C SER A 514 14.07 -6.49 6.85
N ILE A 515 13.25 -6.42 5.81
CA ILE A 515 11.88 -6.95 5.90
C ILE A 515 11.88 -8.44 6.19
N PRO A 516 12.64 -9.30 5.48
CA PRO A 516 12.64 -10.71 5.86
C PRO A 516 13.11 -10.95 7.27
N VAL A 517 14.10 -10.19 7.73
CA VAL A 517 14.63 -10.39 9.08
C VAL A 517 13.55 -10.07 10.11
N HIS A 518 12.81 -8.97 9.90
CA HIS A 518 11.78 -8.60 10.87
C HIS A 518 10.63 -9.60 10.87
N ILE A 519 10.21 -10.03 9.70
CA ILE A 519 9.12 -11.00 9.64
C ILE A 519 9.53 -12.30 10.31
N ASN A 520 10.74 -12.78 10.02
CA ASN A 520 11.21 -14.00 10.65
C ASN A 520 11.39 -13.84 12.14
N ASN A 521 11.77 -12.64 12.61
CA ASN A 521 11.90 -12.41 14.04
C ASN A 521 10.54 -12.53 14.74
N ILE A 522 9.52 -11.85 14.19
CA ILE A 522 8.22 -11.94 14.84
C ILE A 522 7.63 -13.33 14.67
N CYS A 523 8.10 -14.12 13.72
CA CYS A 523 7.68 -15.52 13.67
C CYS A 523 8.40 -16.37 14.70
N GLN A 524 9.68 -16.10 14.95
CA GLN A 524 10.45 -16.91 15.89
C GLN A 524 10.10 -16.61 17.34
N ARG A 525 9.70 -15.38 17.66
CA ARG A 525 9.32 -15.06 19.03
C ARG A 525 7.92 -15.53 19.39
N ASN A 526 7.32 -16.39 18.56
CA ASN A 526 5.97 -16.92 18.80
C ASN A 526 4.94 -15.80 18.92
N TYR A 527 5.09 -14.77 18.10
CA TYR A 527 4.11 -13.68 18.06
C TYR A 527 3.05 -13.91 17.00
N VAL A 528 3.40 -14.54 15.87
CA VAL A 528 2.47 -14.86 14.81
C VAL A 528 2.76 -16.28 14.33
N THR A 529 1.78 -16.86 13.65
CA THR A 529 1.95 -18.18 13.04
C THR A 529 1.55 -18.12 11.58
N VAL A 530 2.29 -18.85 10.74
CA VAL A 530 2.01 -18.89 9.30
C VAL A 530 1.06 -20.04 9.02
N GLU A 531 -0.12 -19.72 8.49
CA GLU A 531 -1.13 -20.71 8.20
C GLU A 531 -1.17 -20.98 6.70
N SER A 532 -2.17 -21.74 6.26
CA SER A 532 -2.30 -22.08 4.85
C SER A 532 -2.52 -20.81 4.04
N GLY A 533 -1.95 -20.79 2.83
CA GLY A 533 -2.03 -19.62 1.99
C GLY A 533 -1.02 -18.54 2.30
N ARG A 534 -0.01 -18.85 3.11
CA ARG A 534 1.00 -17.87 3.53
C ARG A 534 0.34 -16.66 4.18
N ARG A 535 -0.48 -16.93 5.19
CA ARG A 535 -1.20 -15.90 5.92
C ARG A 535 -0.67 -15.84 7.35
N LEU A 536 -0.42 -14.63 7.83
CA LEU A 536 0.11 -14.43 9.17
C LEU A 536 -1.06 -14.24 10.14
N LYS A 537 -1.16 -15.13 11.13
CA LYS A 537 -2.23 -15.10 12.09
C LYS A 537 -1.69 -14.73 13.46
N PRO A 538 -2.18 -13.66 14.09
CA PRO A 538 -1.69 -13.30 15.41
C PRO A 538 -2.07 -14.33 16.45
N THR A 539 -1.22 -14.46 17.45
CA THR A 539 -1.43 -15.39 18.55
C THR A 539 -1.81 -14.61 19.81
N ASN A 540 -2.07 -15.36 20.87
CA ASN A 540 -2.59 -14.76 22.10
C ASN A 540 -1.61 -13.75 22.68
N LEU A 541 -0.34 -14.11 22.72
CA LEU A 541 0.65 -13.25 23.37
C LEU A 541 0.79 -11.94 22.62
N GLY A 542 0.83 -11.99 21.29
CA GLY A 542 0.92 -10.77 20.51
C GLY A 542 -0.31 -9.90 20.63
N ILE A 543 -1.50 -10.54 20.64
CA ILE A 543 -2.72 -9.78 20.82
C ILE A 543 -2.68 -9.03 22.15
N VAL A 544 -2.23 -9.70 23.21
CA VAL A 544 -2.14 -9.04 24.50
C VAL A 544 -1.14 -7.89 24.44
N LEU A 545 0.01 -8.11 23.81
CA LEU A 545 1.02 -7.05 23.73
C LEU A 545 0.45 -5.79 23.11
N VAL A 546 -0.18 -5.90 21.94
CA VAL A 546 -0.65 -4.69 21.27
C VAL A 546 -1.86 -4.09 21.99
N HIS A 547 -2.80 -4.93 22.44
CA HIS A 547 -3.95 -4.39 23.14
C HIS A 547 -3.56 -3.72 24.45
N GLY A 548 -2.38 -4.03 24.98
CA GLY A 548 -1.89 -3.31 26.13
C GLY A 548 -1.15 -2.05 25.77
N TYR A 549 -0.39 -2.10 24.67
CA TYR A 549 0.34 -0.91 24.24
C TYR A 549 -0.62 0.23 23.90
N TYR A 550 -1.72 -0.09 23.18
CA TYR A 550 -2.70 0.95 22.88
C TYR A 550 -3.27 1.57 24.15
N LYS A 551 -3.60 0.75 25.13
CA LYS A 551 -4.22 1.26 26.35
C LYS A 551 -3.23 2.08 27.17
N ILE A 552 -1.96 1.70 27.18
CA ILE A 552 -1.00 2.39 28.03
C ILE A 552 -0.47 3.64 27.36
N ASP A 553 0.19 3.49 26.22
CA ASP A 553 0.65 4.66 25.47
C ASP A 553 0.68 4.29 23.99
N ALA A 554 -0.07 5.05 23.19
CA ALA A 554 -0.44 4.61 21.86
C ALA A 554 0.63 4.82 20.80
N GLU A 555 1.64 5.64 21.06
CA GLU A 555 2.54 5.93 19.95
C GLU A 555 3.56 4.83 19.73
N LEU A 556 3.71 3.91 20.69
CA LEU A 556 4.60 2.77 20.50
C LEU A 556 4.15 1.90 19.34
N VAL A 557 2.89 1.47 19.35
CA VAL A 557 2.31 0.72 18.22
C VAL A 557 1.70 1.76 17.29
N LEU A 558 2.56 2.40 16.51
CA LEU A 558 2.06 3.41 15.60
C LEU A 558 3.06 3.56 14.45
N PRO A 559 2.65 3.28 13.22
CA PRO A 559 3.60 3.32 12.10
C PRO A 559 4.24 4.67 11.86
N THR A 560 3.55 5.77 12.15
CA THR A 560 4.04 7.09 11.78
C THR A 560 5.22 7.56 12.62
N ILE A 561 5.48 6.94 13.77
CA ILE A 561 6.52 7.43 14.66
C ILE A 561 7.90 7.25 14.05
N ARG A 562 8.11 6.13 13.35
CA ARG A 562 9.41 5.91 12.71
C ARG A 562 9.66 6.98 11.64
N SER A 563 8.65 7.30 10.85
CA SER A 563 8.80 8.34 9.84
C SER A 563 9.07 9.70 10.49
N ALA A 564 8.38 10.00 11.59
CA ALA A 564 8.62 11.27 12.27
C ALA A 564 10.05 11.37 12.80
N VAL A 565 10.54 10.30 13.41
CA VAL A 565 11.90 10.31 13.94
C VAL A 565 12.91 10.43 12.80
N GLU A 566 12.68 9.74 11.69
CA GLU A 566 13.58 9.86 10.56
C GLU A 566 13.61 11.28 10.00
N LYS A 567 12.43 11.91 9.91
CA LYS A 567 12.39 13.29 9.43
C LYS A 567 13.15 14.21 10.36
N GLN A 568 13.00 14.02 11.67
CA GLN A 568 13.75 14.86 12.61
C GLN A 568 15.25 14.64 12.48
N LEU A 569 15.68 13.39 12.28
CA LEU A 569 17.10 13.10 12.19
C LEU A 569 17.72 13.56 10.89
N ASN A 570 16.93 13.71 9.82
CA ASN A 570 17.51 14.18 8.55
C ASN A 570 18.08 15.58 8.67
N LEU A 571 17.67 16.34 9.70
CA LEU A 571 18.20 17.69 9.88
C LEU A 571 19.70 17.66 10.11
N ILE A 572 20.20 16.63 10.81
CA ILE A 572 21.64 16.51 11.02
C ILE A 572 22.34 16.32 9.69
N ALA A 573 21.78 15.49 8.82
CA ALA A 573 22.38 15.26 7.51
C ALA A 573 22.39 16.55 6.69
N GLN A 574 21.31 17.32 6.75
CA GLN A 574 21.22 18.51 5.93
C GLN A 574 22.06 19.67 6.46
N GLY A 575 22.69 19.53 7.63
CA GLY A 575 23.54 20.57 8.16
C GLY A 575 22.82 21.67 8.91
N LYS A 576 21.55 21.48 9.25
CA LYS A 576 20.75 22.49 9.92
C LYS A 576 20.39 22.09 11.35
N ALA A 577 21.21 21.27 12.00
CA ALA A 577 20.95 20.84 13.35
C ALA A 577 22.27 20.54 14.04
N ASP A 578 22.19 20.15 15.31
CA ASP A 578 23.37 19.79 16.09
C ASP A 578 23.20 18.38 16.63
N TYR A 579 24.29 17.62 16.58
CA TYR A 579 24.25 16.19 16.89
C TYR A 579 23.74 15.95 18.31
N ARG A 580 24.46 16.47 19.29
CA ARG A 580 24.05 16.28 20.68
C ARG A 580 22.72 16.94 20.97
N GLN A 581 22.50 18.13 20.40
CA GLN A 581 21.26 18.85 20.68
C GLN A 581 20.04 18.09 20.20
N VAL A 582 20.17 17.25 19.18
CA VAL A 582 19.05 16.44 18.73
C VAL A 582 18.98 15.12 19.50
N LEU A 583 20.13 14.46 19.66
CA LEU A 583 20.12 13.14 20.29
C LEU A 583 19.67 13.21 21.74
N GLY A 584 20.15 14.21 22.48
CA GLY A 584 19.75 14.31 23.88
C GLY A 584 18.27 14.54 24.04
N HIS A 585 17.70 15.42 23.23
CA HIS A 585 16.26 15.69 23.29
C HIS A 585 15.45 14.45 22.94
N THR A 586 15.84 13.76 21.86
CA THR A 586 15.06 12.60 21.44
C THR A 586 15.21 11.44 22.41
N LEU A 587 16.33 11.37 23.12
CA LEU A 587 16.46 10.36 24.17
C LEU A 587 15.70 10.74 25.42
N ASP A 588 15.65 12.03 25.74
CA ASP A 588 14.92 12.47 26.94
C ASP A 588 13.44 12.23 26.81
N VAL A 589 12.86 12.49 25.63
CA VAL A 589 11.43 12.24 25.47
C VAL A 589 11.11 10.77 25.66
N PHE A 590 11.95 9.89 25.08
CA PHE A 590 11.71 8.46 25.23
C PHE A 590 11.94 8.00 26.66
N LYS A 591 12.89 8.63 27.38
CA LYS A 591 13.11 8.27 28.77
C LYS A 591 11.90 8.61 29.61
N ARG A 592 11.32 9.78 29.40
CA ARG A 592 10.10 10.13 30.11
C ARG A 592 8.98 9.16 29.78
N LYS A 593 8.88 8.77 28.50
CA LYS A 593 7.83 7.85 28.11
C LYS A 593 8.01 6.48 28.77
N PHE A 594 9.25 5.98 28.83
CA PHE A 594 9.49 4.69 29.47
C PHE A 594 9.23 4.76 30.96
N HIS A 595 9.59 5.88 31.59
CA HIS A 595 9.37 6.00 33.02
C HIS A 595 7.89 6.08 33.34
N TYR A 596 7.09 6.61 32.41
CA TYR A 596 5.63 6.51 32.54
C TYR A 596 5.16 5.08 32.33
N PHE A 597 5.73 4.39 31.35
CA PHE A 597 5.30 3.04 31.02
C PHE A 597 5.51 2.08 32.19
N VAL A 598 6.64 2.22 32.88
CA VAL A 598 6.92 1.29 33.97
C VAL A 598 5.93 1.45 35.12
N ASP A 599 5.49 2.68 35.39
CA ASP A 599 4.52 2.94 36.44
C ASP A 599 3.08 2.74 35.98
N SER A 600 2.85 2.55 34.69
CA SER A 600 1.51 2.28 34.17
C SER A 600 1.43 0.90 33.55
N ILE A 601 2.00 -0.11 34.22
CA ILE A 601 2.01 -1.47 33.68
C ILE A 601 0.87 -2.32 34.21
N ALA A 602 0.15 -1.86 35.25
CA ALA A 602 -0.95 -2.64 35.76
C ALA A 602 -2.04 -2.84 34.72
N GLY A 603 -2.23 -1.85 33.85
CA GLY A 603 -3.25 -1.97 32.81
C GLY A 603 -2.98 -3.12 31.85
N MET A 604 -1.72 -3.28 31.46
CA MET A 604 -1.35 -4.40 30.61
C MET A 604 -1.29 -5.70 31.39
N ASP A 605 -0.95 -5.63 32.66
CA ASP A 605 -0.91 -6.83 33.50
C ASP A 605 -2.29 -7.44 33.66
N GLU A 606 -3.31 -6.60 33.84
CA GLU A 606 -4.67 -7.11 34.01
C GLU A 606 -5.27 -7.62 32.71
N LEU A 607 -4.50 -7.73 31.64
CA LEU A 607 -5.01 -8.20 30.37
C LEU A 607 -4.61 -9.65 30.07
N MET A 608 -3.54 -10.15 30.67
CA MET A 608 -3.13 -11.54 30.50
C MET A 608 -3.83 -12.50 31.43
N GLU A 609 -4.65 -12.01 32.35
CA GLU A 609 -5.38 -12.92 33.24
C GLU A 609 -6.45 -13.72 32.50
N VAL A 610 -6.86 -13.27 31.31
CA VAL A 610 -7.91 -13.95 30.56
C VAL A 610 -7.27 -14.96 29.63
N SER A 611 -5.99 -15.24 29.86
CA SER A 611 -5.23 -16.20 29.08
C SER A 611 -4.22 -16.84 30.02
N PHE A 612 -3.18 -17.44 29.46
CA PHE A 612 -2.04 -17.93 30.22
C PHE A 612 -1.61 -16.99 31.34
N MET B 1 -59.91 38.21 5.61
CA MET B 1 -58.72 38.16 4.74
C MET B 1 -58.10 36.77 4.78
N ALA B 2 -58.20 36.12 5.94
CA ALA B 2 -57.69 34.75 6.06
C ALA B 2 -58.44 33.80 5.14
N GLN B 3 -59.69 34.12 4.82
CA GLN B 3 -60.47 33.29 3.89
C GLN B 3 -59.79 33.23 2.53
N VAL B 4 -59.28 34.36 2.05
CA VAL B 4 -58.56 34.37 0.78
C VAL B 4 -57.13 33.90 0.97
N ALA B 5 -56.54 34.15 2.14
CA ALA B 5 -55.17 33.71 2.39
C ALA B 5 -55.05 32.19 2.32
N GLY B 6 -56.04 31.48 2.89
CA GLY B 6 -56.03 30.03 2.80
C GLY B 6 -56.12 29.55 1.36
N ALA B 7 -56.97 30.19 0.56
CA ALA B 7 -57.06 29.81 -0.84
C ALA B 7 -55.74 30.06 -1.56
N ALA B 8 -55.08 31.17 -1.25
CA ALA B 8 -53.80 31.47 -1.88
C ALA B 8 -52.75 30.41 -1.52
N LEU B 9 -52.67 30.04 -0.25
CA LEU B 9 -51.69 29.04 0.15
C LEU B 9 -52.03 27.67 -0.45
N SER B 10 -53.32 27.35 -0.55
CA SER B 10 -53.70 26.10 -1.20
C SER B 10 -53.31 26.10 -2.67
N GLN B 11 -53.54 27.20 -3.37
CA GLN B 11 -53.16 27.28 -4.77
C GLN B 11 -51.64 27.16 -4.92
N ALA B 12 -50.88 27.75 -4.01
CA ALA B 12 -49.45 27.51 -3.97
C ALA B 12 -49.13 26.07 -3.63
N GLY B 13 -50.08 25.34 -3.04
CA GLY B 13 -49.87 23.96 -2.68
C GLY B 13 -49.39 23.73 -1.26
N TRP B 14 -49.07 24.79 -0.52
CA TRP B 14 -48.56 24.68 0.84
C TRP B 14 -49.73 24.39 1.78
N TYR B 15 -50.24 23.16 1.69
CA TYR B 15 -51.37 22.78 2.52
C TYR B 15 -50.98 22.70 3.98
N LEU B 16 -51.73 23.39 4.83
CA LEU B 16 -51.45 23.40 6.26
C LEU B 16 -52.70 23.86 6.97
N SER B 17 -52.94 23.29 8.15
CA SER B 17 -54.20 23.52 8.86
C SER B 17 -54.34 24.98 9.27
N ASP B 18 -55.59 25.44 9.36
CA ASP B 18 -55.86 26.83 9.71
C ASP B 18 -55.39 27.18 11.11
N GLU B 19 -55.48 26.25 12.07
CA GLU B 19 -54.94 26.51 13.40
C GLU B 19 -53.43 26.71 13.33
N GLY B 20 -52.75 25.89 12.54
CA GLY B 20 -51.32 26.09 12.34
C GLY B 20 -51.00 27.40 11.67
N ILE B 21 -51.82 27.82 10.70
CA ILE B 21 -51.62 29.10 10.05
C ILE B 21 -51.75 30.24 11.06
N GLU B 22 -52.80 30.18 11.89
CA GLU B 22 -52.97 31.19 12.92
C GLU B 22 -51.80 31.21 13.89
N ALA B 23 -51.31 30.02 14.28
CA ALA B 23 -50.17 29.96 15.17
C ALA B 23 -48.93 30.57 14.53
N CYS B 24 -48.70 30.26 13.25
CA CYS B 24 -47.53 30.78 12.56
C CYS B 24 -47.58 32.30 12.44
N THR B 25 -48.75 32.86 12.16
CA THR B 25 -48.92 34.31 12.09
C THR B 25 -50.37 34.63 12.44
N SER B 26 -50.57 35.63 13.29
CA SER B 26 -51.89 36.00 13.77
C SER B 26 -52.17 37.48 13.46
N SER B 27 -52.67 37.73 12.25
CA SER B 27 -53.20 39.01 11.77
C SER B 27 -52.43 40.25 12.23
N PRO B 28 -51.16 40.44 11.82
CA PRO B 28 -50.52 41.74 12.07
C PRO B 28 -51.08 42.82 11.17
N ASP B 29 -52.39 43.03 11.22
CA ASP B 29 -53.15 43.93 10.35
C ASP B 29 -53.16 43.47 8.90
N LYS B 30 -52.51 42.35 8.58
CA LYS B 30 -52.41 41.86 7.21
C LYS B 30 -51.84 40.46 7.24
N VAL B 31 -52.35 39.60 6.35
CA VAL B 31 -51.91 38.21 6.33
C VAL B 31 -50.46 38.10 5.87
N ASN B 32 -50.13 38.75 4.75
CA ASN B 32 -48.79 38.68 4.17
C ASN B 32 -48.34 37.23 3.97
N VAL B 33 -49.04 36.58 3.03
CA VAL B 33 -48.79 35.17 2.75
C VAL B 33 -47.33 34.91 2.46
N ASN B 34 -46.62 35.88 1.90
CA ASN B 34 -45.19 35.70 1.65
C ASN B 34 -44.43 35.46 2.95
N ASP B 35 -44.60 36.35 3.93
CA ASP B 35 -43.89 36.12 5.19
C ASP B 35 -44.45 34.92 5.91
N ILE B 36 -45.72 34.58 5.70
CA ILE B 36 -46.25 33.34 6.25
C ILE B 36 -45.43 32.16 5.75
N ILE B 37 -45.17 32.14 4.44
CA ILE B 37 -44.37 31.06 3.85
C ILE B 37 -42.96 31.07 4.43
N LEU B 38 -42.32 32.24 4.47
CA LEU B 38 -40.95 32.29 4.97
C LEU B 38 -40.86 31.82 6.42
N ILE B 39 -41.83 32.21 7.25
CA ILE B 39 -41.79 31.78 8.65
C ILE B 39 -42.05 30.28 8.75
N ALA B 40 -42.98 29.76 7.94
CA ALA B 40 -43.28 28.34 8.00
C ALA B 40 -42.06 27.49 7.63
N LEU B 41 -41.34 27.87 6.57
CA LEU B 41 -40.22 27.06 6.10
C LEU B 41 -39.11 26.86 7.12
N ASN B 42 -39.26 27.42 8.32
CA ASN B 42 -38.34 27.09 9.40
C ASN B 42 -39.11 26.60 10.61
N THR B 43 -40.22 25.90 10.39
CA THR B 43 -41.04 25.36 11.46
C THR B 43 -41.24 23.87 11.25
N ASP B 44 -41.31 23.14 12.36
CA ASP B 44 -41.54 21.71 12.30
C ASP B 44 -42.98 21.41 11.87
N LEU B 45 -43.12 20.52 10.89
CA LEU B 45 -44.43 20.26 10.31
C LEU B 45 -45.25 19.29 11.13
N ARG B 46 -44.63 18.57 12.06
CA ARG B 46 -45.40 17.62 12.87
C ARG B 46 -46.42 18.34 13.74
N THR B 47 -46.05 19.49 14.29
CA THR B 47 -46.95 20.23 15.16
C THR B 47 -48.08 20.88 14.37
N ILE B 48 -47.76 21.49 13.24
CA ILE B 48 -48.69 22.34 12.51
C ILE B 48 -48.91 21.75 11.12
N GLY B 49 -50.16 21.70 10.70
CA GLY B 49 -50.52 21.20 9.37
C GLY B 49 -51.70 20.25 9.45
N LYS B 50 -52.36 20.08 8.31
CA LYS B 50 -53.51 19.21 8.21
C LYS B 50 -53.11 17.88 7.58
N LYS B 51 -54.03 16.91 7.66
CA LYS B 51 -53.80 15.57 7.13
C LYS B 51 -54.41 15.48 5.74
N PHE B 52 -53.58 15.20 4.73
CA PHE B 52 -54.08 15.09 3.37
C PHE B 52 -53.50 13.94 2.57
N LEU B 53 -52.47 13.23 3.04
CA LEU B 53 -51.98 12.09 2.31
C LEU B 53 -53.06 11.02 2.24
N PRO B 54 -53.19 10.31 1.11
CA PRO B 54 -54.22 9.29 1.01
C PRO B 54 -54.02 8.18 2.03
N SER B 55 -55.12 7.73 2.62
CA SER B 55 -55.05 6.72 3.66
C SER B 55 -54.52 5.41 3.11
N ASP B 56 -53.79 4.68 3.95
CA ASP B 56 -53.16 3.43 3.57
C ASP B 56 -52.24 3.62 2.36
N ILE B 57 -51.53 4.75 2.34
CA ILE B 57 -50.55 4.97 1.28
C ILE B 57 -49.38 4.00 1.41
N ASN B 58 -49.09 3.54 2.63
CA ASN B 58 -48.01 2.58 2.82
C ASN B 58 -48.37 1.18 2.37
N SER B 59 -49.65 0.92 2.05
CA SER B 59 -50.04 -0.34 1.44
C SER B 59 -49.78 -0.25 -0.07
N GLY B 60 -50.28 -1.22 -0.82
CA GLY B 60 -50.01 -1.24 -2.24
C GLY B 60 -51.22 -1.13 -3.15
N LYS B 61 -52.16 -0.25 -2.81
CA LYS B 61 -53.38 -0.13 -3.61
C LYS B 61 -53.79 1.33 -3.76
N VAL B 62 -52.85 2.21 -4.09
CA VAL B 62 -53.14 3.60 -4.40
C VAL B 62 -52.62 4.00 -5.77
N GLU B 63 -51.34 3.71 -6.04
CA GLU B 63 -50.78 3.76 -7.39
C GLU B 63 -50.76 5.14 -8.02
N LYS B 64 -51.19 6.17 -7.30
CA LYS B 64 -51.30 7.49 -7.90
C LYS B 64 -51.17 8.54 -6.82
N LEU B 65 -50.50 9.65 -7.15
CA LEU B 65 -50.50 10.84 -6.30
C LEU B 65 -50.70 12.04 -7.20
N GLU B 66 -51.87 12.65 -7.11
CA GLU B 66 -52.29 13.72 -8.01
C GLU B 66 -52.28 15.05 -7.28
N GLY B 67 -51.99 16.11 -8.03
CA GLY B 67 -51.91 17.44 -7.46
C GLY B 67 -50.58 17.67 -6.79
N PRO B 68 -50.35 18.89 -6.32
CA PRO B 68 -49.10 19.21 -5.62
C PRO B 68 -49.19 18.91 -4.14
N CYS B 69 -48.05 18.56 -3.56
CA CYS B 69 -47.98 18.22 -2.15
C CYS B 69 -46.73 18.85 -1.54
N VAL B 70 -46.77 19.06 -0.23
CA VAL B 70 -45.64 19.53 0.53
C VAL B 70 -45.37 18.53 1.64
N LEU B 71 -44.11 18.12 1.79
CA LEU B 71 -43.74 17.06 2.71
C LEU B 71 -42.45 17.42 3.42
N GLN B 72 -42.21 16.79 4.57
CA GLN B 72 -41.01 17.04 5.36
C GLN B 72 -40.20 15.76 5.49
N ILE B 73 -38.91 15.84 5.18
CA ILE B 73 -38.02 14.70 5.32
C ILE B 73 -37.70 14.48 6.79
N GLN B 74 -37.50 13.22 7.17
CA GLN B 74 -37.08 12.89 8.53
C GLN B 74 -35.74 12.18 8.57
N LYS B 75 -35.57 11.11 7.81
CA LYS B 75 -34.31 10.40 7.75
C LYS B 75 -33.98 10.09 6.30
N ILE B 76 -32.69 10.14 5.98
CA ILE B 76 -32.18 9.87 4.65
C ILE B 76 -31.11 8.80 4.76
N ARG B 77 -31.31 7.68 4.07
CA ARG B 77 -30.40 6.54 4.16
C ARG B 77 -30.06 6.06 2.76
N ASN B 78 -28.76 5.88 2.51
CA ASN B 78 -28.28 5.40 1.22
C ASN B 78 -28.39 3.89 1.18
N VAL B 79 -29.43 3.37 0.52
CA VAL B 79 -29.52 1.93 0.36
C VAL B 79 -28.79 1.57 -0.94
N ALA B 80 -27.47 1.67 -0.90
CA ALA B 80 -26.63 1.12 -1.95
C ALA B 80 -25.29 0.64 -1.42
N ALA B 81 -25.05 0.72 -0.11
CA ALA B 81 -23.78 0.37 0.48
C ALA B 81 -24.01 0.07 1.95
N PRO B 82 -23.22 -0.79 2.57
CA PRO B 82 -23.48 -1.17 3.96
C PRO B 82 -23.31 0.02 4.89
N LYS B 83 -23.91 -0.11 6.07
CA LYS B 83 -23.76 0.93 7.09
C LYS B 83 -22.29 1.11 7.49
N ASP B 84 -21.48 0.07 7.33
CA ASP B 84 -20.06 0.18 7.64
C ASP B 84 -19.37 1.20 6.77
N ASN B 85 -19.65 1.19 5.47
CA ASN B 85 -19.08 2.12 4.50
C ASN B 85 -20.23 2.98 3.98
N GLU B 86 -20.45 4.13 4.61
CA GLU B 86 -21.60 4.95 4.30
C GLU B 86 -21.59 5.50 2.88
N GLU B 87 -20.43 5.48 2.22
CA GLU B 87 -20.34 5.97 0.85
C GLU B 87 -19.18 5.25 0.16
N SER B 88 -19.50 4.23 -0.61
CA SER B 88 -18.52 3.50 -1.41
C SER B 88 -18.92 3.60 -2.88
N GLN B 89 -17.97 4.02 -3.71
CA GLN B 89 -18.26 4.18 -5.13
C GLN B 89 -18.13 2.86 -5.86
N ALA B 90 -18.80 1.82 -5.35
CA ALA B 90 -18.87 0.55 -6.04
C ALA B 90 -20.22 0.31 -6.69
N ALA B 91 -21.23 1.07 -6.30
CA ALA B 91 -22.55 1.05 -6.91
C ALA B 91 -23.03 2.48 -7.06
N PRO B 92 -23.89 2.75 -8.02
CA PRO B 92 -24.47 4.10 -8.13
C PRO B 92 -25.27 4.46 -6.89
N ARG B 93 -25.28 5.74 -6.59
CA ARG B 93 -26.00 6.25 -5.43
C ARG B 93 -27.50 6.01 -5.59
N MET B 94 -28.14 5.68 -4.47
CA MET B 94 -29.56 5.35 -4.47
C MET B 94 -30.12 5.66 -3.09
N LEU B 95 -31.10 6.57 -3.03
CA LEU B 95 -31.55 7.13 -1.77
C LEU B 95 -32.98 6.73 -1.45
N ARG B 96 -33.20 6.38 -0.19
CA ARG B 96 -34.53 6.13 0.37
C ARG B 96 -34.87 7.25 1.33
N LEU B 97 -36.07 7.80 1.18
CA LEU B 97 -36.48 8.99 1.91
C LEU B 97 -37.69 8.65 2.76
N GLN B 98 -37.66 9.07 4.03
CA GLN B 98 -38.78 8.89 4.96
C GLN B 98 -39.45 10.24 5.13
N MET B 99 -40.52 10.47 4.38
CA MET B 99 -41.23 11.74 4.42
C MET B 99 -42.44 11.65 5.34
N THR B 100 -42.91 12.82 5.77
CA THR B 100 -44.07 12.87 6.65
C THR B 100 -44.86 14.14 6.39
N ASP B 101 -46.13 14.08 6.76
CA ASP B 101 -46.97 15.27 6.85
C ASP B 101 -48.12 14.94 7.79
N GLY B 102 -48.08 15.45 9.01
CA GLY B 102 -49.17 15.27 9.94
C GLY B 102 -49.12 13.95 10.69
N HIS B 103 -49.92 12.99 10.23
CA HIS B 103 -50.11 11.73 10.93
C HIS B 103 -49.54 10.52 10.20
N ILE B 104 -49.23 10.65 8.92
CA ILE B 104 -48.90 9.51 8.07
C ILE B 104 -47.48 9.67 7.55
N SER B 105 -46.70 8.60 7.63
CA SER B 105 -45.33 8.58 7.13
C SER B 105 -45.26 7.76 5.85
N CYS B 106 -44.54 8.27 4.86
CA CYS B 106 -44.43 7.65 3.55
C CYS B 106 -42.96 7.44 3.18
N THR B 107 -42.73 6.48 2.28
CA THR B 107 -41.38 6.13 1.85
C THR B 107 -41.23 6.38 0.37
N ALA B 108 -40.10 6.97 -0.02
CA ALA B 108 -39.84 7.33 -1.39
C ALA B 108 -38.46 6.83 -1.81
N VAL B 109 -38.30 6.61 -3.11
CA VAL B 109 -37.09 6.05 -3.68
C VAL B 109 -36.62 6.95 -4.82
N GLU B 110 -35.29 7.12 -4.91
CA GLU B 110 -34.70 8.08 -5.85
C GLU B 110 -35.14 7.82 -7.28
N PHE B 111 -34.72 6.69 -7.86
CA PHE B 111 -35.07 6.25 -9.21
C PHE B 111 -34.41 7.07 -10.31
N SER B 112 -33.50 7.97 -9.97
CA SER B 112 -32.69 8.72 -10.93
C SER B 112 -31.57 9.38 -10.13
N TYR B 113 -30.83 10.27 -10.78
CA TYR B 113 -29.78 11.05 -10.11
C TYR B 113 -30.30 12.46 -9.89
N MET B 114 -30.44 12.85 -8.62
CA MET B 114 -30.87 14.18 -8.25
C MET B 114 -29.78 14.83 -7.40
N SER B 115 -29.21 15.92 -7.88
CA SER B 115 -28.14 16.60 -7.15
C SER B 115 -28.65 17.50 -6.04
N LYS B 116 -29.94 17.83 -6.04
CA LYS B 116 -30.48 18.73 -5.02
C LYS B 116 -30.45 18.09 -3.64
N ILE B 117 -30.85 16.83 -3.53
CA ILE B 117 -30.91 16.12 -2.26
C ILE B 117 -29.68 15.25 -2.14
N SER B 118 -28.82 15.57 -1.19
CA SER B 118 -27.59 14.84 -0.96
C SER B 118 -27.64 14.17 0.41
N LEU B 119 -26.63 13.35 0.67
CA LEU B 119 -26.58 12.63 1.94
C LEU B 119 -26.43 13.59 3.11
N ASN B 120 -25.85 14.77 2.87
CA ASN B 120 -25.61 15.75 3.92
C ASN B 120 -26.82 16.63 4.20
N THR B 121 -27.92 16.42 3.51
CA THR B 121 -29.10 17.25 3.73
C THR B 121 -29.65 17.00 5.12
N PRO B 122 -29.80 18.02 5.96
CA PRO B 122 -30.29 17.82 7.31
C PRO B 122 -31.79 17.57 7.31
N PRO B 123 -32.30 16.88 8.32
CA PRO B 123 -33.75 16.71 8.45
C PRO B 123 -34.47 18.05 8.52
N GLY B 124 -35.80 17.97 8.41
CA GLY B 124 -36.63 19.16 8.40
C GLY B 124 -36.71 19.86 7.07
N THR B 125 -35.91 19.46 6.09
CA THR B 125 -35.94 20.09 4.78
C THR B 125 -37.28 19.86 4.12
N LYS B 126 -37.81 20.88 3.46
CA LYS B 126 -39.12 20.81 2.86
C LYS B 126 -39.02 20.43 1.40
N VAL B 127 -39.90 19.53 0.96
CA VAL B 127 -39.93 19.06 -0.42
C VAL B 127 -41.32 19.33 -0.98
N LYS B 128 -41.36 19.90 -2.18
CA LYS B 128 -42.60 20.14 -2.90
C LYS B 128 -42.66 19.22 -4.10
N LEU B 129 -43.78 18.51 -4.25
CA LEU B 129 -44.00 17.59 -5.34
C LEU B 129 -45.07 18.15 -6.26
N SER B 130 -44.77 18.23 -7.55
CA SER B 130 -45.65 18.85 -8.52
C SER B 130 -45.99 17.87 -9.63
N GLY B 131 -47.26 17.90 -10.05
CA GLY B 131 -47.71 17.04 -11.14
C GLY B 131 -48.28 15.73 -10.65
N ILE B 132 -47.86 14.64 -11.30
CA ILE B 132 -48.29 13.29 -10.95
C ILE B 132 -47.08 12.52 -10.46
N VAL B 133 -47.21 11.89 -9.29
CA VAL B 133 -46.17 11.05 -8.72
C VAL B 133 -46.67 9.62 -8.68
N ASP B 134 -45.79 8.69 -9.05
CA ASP B 134 -46.15 7.29 -9.13
C ASP B 134 -45.87 6.58 -7.81
N ILE B 135 -46.79 5.71 -7.42
CA ILE B 135 -46.62 4.84 -6.26
C ILE B 135 -46.68 3.40 -6.77
N LYS B 136 -45.65 2.63 -6.49
CA LYS B 136 -45.55 1.29 -7.06
C LYS B 136 -45.98 0.20 -6.08
N ASN B 137 -45.29 0.10 -4.94
CA ASN B 137 -45.57 -0.91 -3.93
C ASN B 137 -45.59 -0.25 -2.56
N GLY B 138 -46.31 0.85 -2.46
CA GLY B 138 -46.19 1.70 -1.30
C GLY B 138 -44.98 2.59 -1.32
N PHE B 139 -44.22 2.56 -2.40
CA PHE B 139 -43.04 3.38 -2.57
C PHE B 139 -43.33 4.48 -3.58
N LEU B 140 -42.95 5.70 -3.24
CA LEU B 140 -43.13 6.87 -4.10
C LEU B 140 -41.89 7.05 -4.96
N LEU B 141 -42.07 7.18 -6.26
CA LEU B 141 -40.96 7.30 -7.20
C LEU B 141 -40.63 8.78 -7.37
N LEU B 142 -39.37 9.16 -7.14
CA LEU B 142 -38.99 10.58 -7.14
C LEU B 142 -38.18 10.94 -8.38
N ASN B 143 -38.86 11.29 -9.46
CA ASN B 143 -38.17 11.72 -10.67
C ASN B 143 -37.56 13.11 -10.45
N ASP B 144 -36.57 13.43 -11.29
CA ASP B 144 -35.88 14.71 -11.16
C ASP B 144 -36.77 15.88 -11.53
N SER B 145 -37.75 15.67 -12.39
CA SER B 145 -38.62 16.76 -12.81
C SER B 145 -39.55 17.19 -11.68
N ASN B 146 -40.20 16.23 -11.02
CA ASN B 146 -41.26 16.52 -10.06
C ASN B 146 -40.71 16.56 -8.63
N THR B 147 -39.72 17.42 -8.42
CA THR B 147 -39.18 17.69 -7.09
C THR B 147 -38.80 19.16 -7.00
N THR B 148 -39.02 19.75 -5.83
CA THR B 148 -38.51 21.08 -5.53
C THR B 148 -38.02 21.09 -4.09
N VAL B 149 -36.80 21.55 -3.86
CA VAL B 149 -36.16 21.51 -2.55
C VAL B 149 -36.15 22.91 -1.97
N LEU B 150 -36.85 23.10 -0.85
CA LEU B 150 -36.82 24.34 -0.11
C LEU B 150 -36.25 24.06 1.28
N GLY B 151 -35.23 24.80 1.65
CA GLY B 151 -34.50 24.53 2.87
C GLY B 151 -35.22 25.00 4.11
N GLY B 152 -34.46 25.08 5.21
CA GLY B 152 -34.99 25.51 6.48
C GLY B 152 -34.57 24.59 7.60
N GLU B 153 -33.99 25.15 8.66
CA GLU B 153 -33.47 24.37 9.78
C GLU B 153 -34.34 24.60 11.00
N VAL B 154 -34.79 23.50 11.62
CA VAL B 154 -35.62 23.59 12.81
C VAL B 154 -34.89 23.00 14.02
N GLU B 155 -34.48 21.74 13.92
CA GLU B 155 -33.75 21.07 15.00
C GLU B 155 -32.82 20.04 14.36
N HIS B 156 -31.60 20.46 14.08
CA HIS B 156 -30.55 19.58 13.56
C HIS B 156 -29.83 18.89 14.71
N LEU B 157 -30.59 18.26 15.59
CA LEU B 157 -30.05 17.59 16.77
C LEU B 157 -29.59 16.17 16.39
N ILE B 158 -28.68 16.12 15.43
CA ILE B 158 -28.16 14.86 14.91
C ILE B 158 -26.65 14.99 14.75
N GLU B 159 -25.93 13.97 15.21
CA GLU B 159 -24.48 13.97 15.21
C GLU B 159 -23.97 12.65 14.65
N LYS B 160 -23.00 12.72 13.75
CA LYS B 160 -22.35 11.54 13.20
C LYS B 160 -21.06 11.31 14.01
N TRP B 161 -21.23 10.78 15.21
CA TRP B 161 -20.12 10.55 16.14
C TRP B 161 -19.38 11.84 16.45
#